data_7RMJ
#
_entry.id   7RMJ
#
_cell.length_a   160.023
_cell.length_b   160.023
_cell.length_c   57.598
_cell.angle_alpha   90.000
_cell.angle_beta   90.000
_cell.angle_gamma   120.000
#
_symmetry.space_group_name_H-M   'P 6'
#
loop_
_entity.id
_entity.type
_entity.pdbx_description
1 polymer 'CAPSID PROTEIN P24'
2 non-polymer N-[(1S)-1-(3-{4-chloro-3-[(methanesulfonyl)amino]-1-(2,2,2-trifluoroethyl)-1H-indazol-7-yl}-6-[3-(methanesulfonyl)-3-methylbut-1-yn-1-yl]pyridin-2-yl)-2-(3,5-difluorophenyl)ethyl]-2-[3-(trifluoromethyl)-4,5,6,7-tetrahydro-1H-indazol-1-yl]acetamide
3 non-polymer 'IODIDE ION'
4 non-polymer 'CHLORIDE ION'
5 water water
#
_entity_poly.entity_id   1
_entity_poly.type   'polypeptide(L)'
_entity_poly.pdbx_seq_one_letter_code
;PIVQNLQGQMVHQCISPRTLNAWVKVVEEKAFSPEVIPMFSALSCGATPQDLNTMLNTVGGHQAAMQMLKETINEEAAEW
DRLHPVHAGPIAPGQMREPRGSDIAGTTSTLQEQIGWMTHNPPIPVGEIYKRWIILGLNKIVRMYSPTSILDIRQGPKEP
FRDYVDRFYKTLRAEQASQEVKNAATETLLVQNANPDCKTILKALGPGATLEEMMTACQGVGGPGHKARVL
;
_entity_poly.pdbx_strand_id   A,B,C
#
loop_
_chem_comp.id
_chem_comp.type
_chem_comp.name
_chem_comp.formula
61F non-polymer N-[(1S)-1-(3-{4-chloro-3-[(methanesulfonyl)amino]-1-(2,2,2-trifluoroethyl)-1H-indazol-7-yl}-6-[3-(methanesulfonyl)-3-methylbut-1-yn-1-yl]pyridin-2-yl)-2-(3,5-difluorophenyl)ethyl]-2-[3-(trifluoromethyl)-4,5,6,7-tetrahydro-1H-indazol-1-yl]acetamide 'C39 H36 Cl F8 N7 O5 S2'
CL non-polymer 'CHLORIDE ION' 'Cl -1'
IOD non-polymer 'IODIDE ION' 'I -1'
#
# COMPACT_ATOMS: atom_id res chain seq x y z
N PRO A 1 13.14 -26.60 -29.58
CA PRO A 1 12.03 -27.07 -30.41
C PRO A 1 12.00 -26.44 -31.80
N ILE A 2 11.09 -26.91 -32.64
CA ILE A 2 10.81 -26.31 -33.94
C ILE A 2 9.46 -25.60 -33.84
N VAL A 3 9.48 -24.27 -33.96
CA VAL A 3 8.27 -23.47 -33.87
C VAL A 3 8.10 -22.71 -35.17
N GLN A 4 6.89 -22.21 -35.38
CA GLN A 4 6.58 -21.37 -36.54
C GLN A 4 6.86 -19.90 -36.23
N ASN A 5 7.58 -19.24 -37.13
CA ASN A 5 7.80 -17.81 -37.00
C ASN A 5 6.61 -17.05 -37.57
N LEU A 6 6.85 -15.84 -38.08
CA LEU A 6 5.79 -14.98 -38.62
C LEU A 6 5.75 -14.99 -40.13
N GLN A 7 6.58 -15.80 -40.79
CA GLN A 7 6.59 -15.93 -42.23
C GLN A 7 6.11 -17.30 -42.69
N GLY A 8 5.43 -18.05 -41.82
CA GLY A 8 5.03 -19.39 -42.16
C GLY A 8 6.15 -20.40 -42.18
N GLN A 9 7.32 -20.04 -41.65
CA GLN A 9 8.48 -20.91 -41.67
C GLN A 9 8.65 -21.59 -40.33
N MET A 10 8.93 -22.89 -40.36
CA MET A 10 9.23 -23.66 -39.17
C MET A 10 10.72 -23.49 -38.88
N VAL A 11 11.05 -22.85 -37.77
CA VAL A 11 12.44 -22.53 -37.44
C VAL A 11 12.76 -23.11 -36.06
N HIS A 12 14.06 -23.33 -35.84
CA HIS A 12 14.51 -23.85 -34.57
C HIS A 12 14.49 -22.77 -33.49
N GLN A 13 14.10 -23.17 -32.29
CA GLN A 13 14.11 -22.32 -31.12
C GLN A 13 14.82 -23.06 -29.99
N CYS A 14 15.57 -22.33 -29.17
CA CYS A 14 16.25 -22.95 -28.06
C CYS A 14 15.25 -23.46 -27.03
N ILE A 15 15.57 -24.61 -26.42
CA ILE A 15 14.76 -25.11 -25.32
C ILE A 15 14.89 -24.14 -24.15
N SER A 16 13.76 -23.80 -23.55
CA SER A 16 13.79 -22.74 -22.55
C SER A 16 14.29 -23.28 -21.21
N PRO A 17 14.92 -22.43 -20.40
CA PRO A 17 15.29 -22.86 -19.04
C PRO A 17 14.10 -23.30 -18.21
N ARG A 18 12.93 -22.68 -18.40
CA ARG A 18 11.74 -23.10 -17.68
C ARG A 18 11.33 -24.52 -18.07
N THR A 19 11.46 -24.86 -19.35
CA THR A 19 11.14 -26.22 -19.80
C THR A 19 12.11 -27.22 -19.20
N LEU A 20 13.41 -26.92 -19.26
CA LEU A 20 14.42 -27.80 -18.68
C LEU A 20 14.15 -28.03 -17.20
N ASN A 21 13.96 -26.94 -16.45
CA ASN A 21 13.76 -27.06 -15.01
C ASN A 21 12.47 -27.80 -14.70
N ALA A 22 11.40 -27.53 -15.45
CA ALA A 22 10.12 -28.20 -15.18
C ALA A 22 10.25 -29.71 -15.33
N TRP A 23 10.94 -30.17 -16.37
CA TRP A 23 11.08 -31.60 -16.57
C TRP A 23 11.95 -32.22 -15.48
N VAL A 24 13.05 -31.57 -15.12
CA VAL A 24 13.90 -32.08 -14.04
C VAL A 24 13.10 -32.17 -12.75
N LYS A 25 12.30 -31.14 -12.45
CA LYS A 25 11.58 -31.10 -11.18
C LYS A 25 10.49 -32.15 -11.11
N VAL A 26 9.78 -32.39 -12.22
CA VAL A 26 8.68 -33.34 -12.19
C VAL A 26 9.21 -34.76 -11.98
N VAL A 27 10.38 -35.07 -12.53
CA VAL A 27 11.00 -36.37 -12.27
C VAL A 27 11.44 -36.46 -10.82
N GLU A 28 11.99 -35.37 -10.28
CA GLU A 28 12.42 -35.35 -8.89
C GLU A 28 11.26 -35.58 -7.94
N GLU A 29 10.11 -34.98 -8.22
CA GLU A 29 8.97 -35.01 -7.30
C GLU A 29 8.04 -36.19 -7.52
N LYS A 30 7.90 -36.65 -8.76
CA LYS A 30 6.91 -37.68 -9.08
C LYS A 30 7.52 -39.01 -9.52
N ALA A 31 8.85 -39.07 -9.67
CA ALA A 31 9.52 -40.28 -10.15
C ALA A 31 8.88 -40.76 -11.44
N PHE A 32 8.31 -41.97 -11.42
CA PHE A 32 7.65 -42.54 -12.58
C PHE A 32 6.20 -42.90 -12.29
N SER A 33 5.51 -42.00 -11.59
CA SER A 33 4.06 -42.05 -11.53
C SER A 33 3.50 -41.87 -12.94
N PRO A 34 2.30 -42.40 -13.22
CA PRO A 34 1.77 -42.30 -14.59
C PRO A 34 1.68 -40.89 -15.15
N GLU A 35 1.45 -39.87 -14.31
CA GLU A 35 1.30 -38.52 -14.85
C GLU A 35 2.61 -37.92 -15.35
N VAL A 36 3.73 -38.62 -15.19
CA VAL A 36 4.99 -38.10 -15.72
C VAL A 36 5.03 -38.21 -17.25
N ILE A 37 4.27 -39.15 -17.82
CA ILE A 37 4.25 -39.35 -19.27
C ILE A 37 3.59 -38.15 -19.95
N PRO A 38 2.38 -37.72 -19.53
CA PRO A 38 1.83 -36.50 -20.14
C PRO A 38 2.68 -35.27 -19.89
N MET A 39 3.30 -35.16 -18.71
CA MET A 39 4.22 -34.05 -18.46
C MET A 39 5.36 -34.07 -19.47
N PHE A 40 5.95 -35.25 -19.71
CA PHE A 40 7.05 -35.32 -20.67
C PHE A 40 6.58 -35.00 -22.08
N SER A 41 5.42 -35.51 -22.47
CA SER A 41 4.93 -35.27 -23.82
C SER A 41 4.66 -33.79 -24.06
N ALA A 42 4.07 -33.11 -23.08
CA ALA A 42 3.75 -31.70 -23.27
C ALA A 42 5.01 -30.84 -23.20
N LEU A 43 5.90 -31.12 -22.24
CA LEU A 43 7.14 -30.36 -22.12
C LEU A 43 8.06 -30.56 -23.32
N SER A 44 7.95 -31.68 -24.02
CA SER A 44 8.72 -31.94 -25.23
C SER A 44 7.92 -31.62 -26.49
N CYS A 45 6.93 -30.74 -26.39
CA CYS A 45 6.16 -30.36 -27.57
C CYS A 45 7.07 -29.72 -28.61
N GLY A 46 7.02 -30.25 -29.83
CA GLY A 46 7.85 -29.72 -30.90
C GLY A 46 9.33 -29.99 -30.75
N ALA A 47 9.73 -30.85 -29.83
CA ALA A 47 11.15 -31.05 -29.55
C ALA A 47 11.85 -31.72 -30.73
N THR A 48 13.11 -31.35 -30.92
CA THR A 48 14.00 -32.09 -31.79
C THR A 48 14.54 -33.30 -31.04
N PRO A 49 15.16 -34.26 -31.74
CA PRO A 49 15.86 -35.34 -31.03
C PRO A 49 16.90 -34.82 -30.04
N GLN A 50 17.59 -33.73 -30.38
CA GLN A 50 18.55 -33.15 -29.44
C GLN A 50 17.86 -32.70 -28.16
N ASP A 51 16.71 -32.03 -28.28
CA ASP A 51 15.97 -31.61 -27.11
C ASP A 51 15.52 -32.80 -26.27
N LEU A 52 15.02 -33.85 -26.93
CA LEU A 52 14.60 -35.05 -26.21
C LEU A 52 15.78 -35.67 -25.47
N ASN A 53 16.95 -35.75 -26.11
CA ASN A 53 18.13 -36.27 -25.42
C ASN A 53 18.55 -35.35 -24.28
N THR A 54 18.44 -34.04 -24.48
CA THR A 54 18.74 -33.10 -23.39
C THR A 54 17.88 -33.37 -22.18
N MET A 55 16.56 -33.55 -22.39
CA MET A 55 15.66 -33.78 -21.27
C MET A 55 15.98 -35.08 -20.56
N LEU A 56 16.24 -36.15 -21.31
CA LEU A 56 16.56 -37.42 -20.68
C LEU A 56 17.91 -37.36 -19.98
N ASN A 57 18.86 -36.62 -20.54
CA ASN A 57 20.19 -36.55 -19.94
C ASN A 57 20.20 -35.73 -18.65
N THR A 58 19.33 -34.73 -18.54
CA THR A 58 19.29 -33.90 -17.35
C THR A 58 18.66 -34.62 -16.16
N VAL A 59 18.04 -35.78 -16.39
CA VAL A 59 17.47 -36.55 -15.28
C VAL A 59 18.58 -37.03 -14.37
N GLY A 60 18.49 -36.70 -13.10
CA GLY A 60 19.41 -37.20 -12.09
C GLY A 60 18.83 -38.42 -11.41
N GLY A 61 19.68 -39.44 -11.23
CA GLY A 61 19.23 -40.68 -10.64
C GLY A 61 18.38 -41.48 -11.60
N HIS A 62 17.73 -42.51 -11.05
CA HIS A 62 16.90 -43.44 -11.81
C HIS A 62 17.61 -43.95 -13.05
N GLN A 63 18.93 -44.13 -12.95
CA GLN A 63 19.72 -44.52 -14.11
C GLN A 63 19.43 -45.93 -14.58
N ALA A 64 18.90 -46.79 -13.71
CA ALA A 64 18.41 -48.10 -14.16
C ALA A 64 17.24 -47.93 -15.11
N ALA A 65 16.28 -47.08 -14.74
CA ALA A 65 15.16 -46.79 -15.63
C ALA A 65 15.64 -46.17 -16.93
N MET A 66 16.56 -45.20 -16.84
CA MET A 66 17.04 -44.54 -18.05
C MET A 66 17.83 -45.49 -18.94
N GLN A 67 18.48 -46.50 -18.35
CA GLN A 67 19.16 -47.50 -19.16
C GLN A 67 18.16 -48.41 -19.87
N MET A 68 17.10 -48.82 -19.17
CA MET A 68 16.00 -49.51 -19.82
C MET A 68 15.42 -48.67 -20.95
N LEU A 69 15.37 -47.35 -20.75
CA LEU A 69 14.91 -46.45 -21.80
C LEU A 69 15.80 -46.54 -23.03
N LYS A 70 17.12 -46.59 -22.83
CA LYS A 70 18.04 -46.71 -23.96
C LYS A 70 17.81 -48.02 -24.71
N GLU A 71 17.59 -49.11 -23.99
CA GLU A 71 17.39 -50.40 -24.64
C GLU A 71 16.10 -50.39 -25.47
N THR A 72 15.03 -49.79 -24.94
CA THR A 72 13.81 -49.67 -25.72
C THR A 72 14.03 -48.85 -26.97
N ILE A 73 14.79 -47.76 -26.85
CA ILE A 73 15.07 -46.90 -28.01
C ILE A 73 15.85 -47.67 -29.07
N ASN A 74 16.83 -48.48 -28.66
CA ASN A 74 17.60 -49.24 -29.63
C ASN A 74 16.75 -50.30 -30.32
N GLU A 75 15.81 -50.92 -29.58
CA GLU A 75 14.91 -51.87 -30.21
C GLU A 75 14.05 -51.20 -31.27
N GLU A 76 13.49 -50.03 -30.95
CA GLU A 76 12.69 -49.31 -31.93
C GLU A 76 13.55 -48.79 -33.08
N ALA A 77 14.78 -48.37 -32.77
CA ALA A 77 15.69 -47.95 -33.83
C ALA A 77 16.02 -49.11 -34.77
N ALA A 78 16.25 -50.29 -34.21
CA ALA A 78 16.53 -51.46 -35.05
C ALA A 78 15.33 -51.81 -35.91
N GLU A 79 14.13 -51.72 -35.35
CA GLU A 79 12.92 -51.99 -36.14
C GLU A 79 12.73 -50.97 -37.25
N TRP A 80 13.00 -49.69 -36.96
CA TRP A 80 12.90 -48.66 -37.99
C TRP A 80 13.85 -48.94 -39.14
N ASP A 81 15.09 -49.34 -38.82
CA ASP A 81 16.04 -49.65 -39.88
C ASP A 81 15.58 -50.83 -40.73
N ARG A 82 14.93 -51.80 -40.10
CA ARG A 82 14.43 -52.95 -40.85
C ARG A 82 13.27 -52.55 -41.75
N LEU A 83 12.47 -51.57 -41.32
CA LEU A 83 11.34 -51.11 -42.13
C LEU A 83 11.73 -50.04 -43.14
N HIS A 84 12.83 -49.31 -42.90
CA HIS A 84 13.27 -48.23 -43.79
C HIS A 84 14.74 -48.43 -44.12
N PRO A 85 15.07 -49.37 -45.00
CA PRO A 85 16.47 -49.51 -45.42
C PRO A 85 16.88 -48.30 -46.24
N VAL A 86 18.06 -47.77 -45.96
CA VAL A 86 18.52 -46.55 -46.62
C VAL A 86 18.95 -46.92 -48.03
N HIS A 87 18.69 -46.00 -48.97
CA HIS A 87 19.04 -46.19 -50.37
C HIS A 87 20.27 -45.34 -50.68
N ALA A 88 21.38 -46.00 -51.00
CA ALA A 88 22.62 -45.30 -51.29
C ALA A 88 22.49 -44.45 -52.54
N GLY A 89 23.20 -43.33 -52.55
CA GLY A 89 23.17 -42.40 -53.65
C GLY A 89 23.44 -40.99 -53.18
N PRO A 90 23.92 -40.13 -54.07
CA PRO A 90 24.22 -38.76 -53.68
C PRO A 90 22.94 -37.97 -53.40
N ILE A 91 22.97 -37.19 -52.33
CA ILE A 91 21.80 -36.42 -51.94
C ILE A 91 21.67 -35.20 -52.85
N ALA A 92 20.47 -34.97 -53.36
CA ALA A 92 20.23 -33.85 -54.27
C ALA A 92 20.37 -32.52 -53.53
N PRO A 93 20.60 -31.43 -54.26
CA PRO A 93 20.74 -30.11 -53.60
C PRO A 93 19.68 -29.81 -52.56
N GLY A 94 18.41 -29.94 -52.93
CA GLY A 94 17.32 -29.58 -52.04
C GLY A 94 17.08 -30.57 -50.92
N GLN A 95 17.09 -31.86 -51.25
CA GLN A 95 16.62 -32.90 -50.36
C GLN A 95 17.59 -33.11 -49.19
N MET A 96 17.26 -34.09 -48.35
CA MET A 96 18.09 -34.52 -47.24
C MET A 96 18.20 -36.03 -47.23
N ARG A 97 19.30 -36.53 -46.65
CA ARG A 97 19.51 -37.97 -46.58
C ARG A 97 18.41 -38.64 -45.76
N GLU A 98 18.14 -39.89 -46.09
CA GLU A 98 17.15 -40.65 -45.34
C GLU A 98 17.64 -40.90 -43.92
N PRO A 99 16.76 -40.77 -42.92
CA PRO A 99 17.22 -40.92 -41.53
C PRO A 99 17.22 -42.39 -41.11
N ARG A 100 18.33 -42.82 -40.52
CA ARG A 100 18.41 -44.11 -39.88
C ARG A 100 17.78 -44.04 -38.48
N GLY A 101 17.63 -45.20 -37.86
CA GLY A 101 17.14 -45.23 -36.49
C GLY A 101 18.02 -44.44 -35.53
N SER A 102 19.34 -44.55 -35.70
CA SER A 102 20.25 -43.78 -34.86
C SER A 102 20.19 -42.29 -35.17
N ASP A 103 19.73 -41.91 -36.37
CA ASP A 103 19.54 -40.49 -36.68
C ASP A 103 18.31 -39.93 -35.96
N ILE A 104 17.23 -40.71 -35.93
CA ILE A 104 16.03 -40.30 -35.19
C ILE A 104 16.34 -40.15 -33.71
N ALA A 105 17.13 -41.08 -33.15
CA ALA A 105 17.48 -40.99 -31.74
C ALA A 105 18.51 -39.91 -31.45
N GLY A 106 19.08 -39.29 -32.48
CA GLY A 106 19.99 -38.18 -32.28
C GLY A 106 21.43 -38.57 -31.99
N THR A 107 21.78 -39.84 -32.14
CA THR A 107 23.15 -40.28 -31.85
C THR A 107 24.08 -40.13 -33.04
N THR A 108 23.55 -40.18 -34.26
CA THR A 108 24.35 -40.06 -35.46
C THR A 108 23.91 -38.91 -36.34
N SER A 109 23.06 -38.03 -35.83
CA SER A 109 22.56 -36.88 -36.59
C SER A 109 22.88 -35.59 -35.84
N THR A 110 23.17 -34.55 -36.60
CA THR A 110 23.38 -33.23 -36.05
C THR A 110 22.04 -32.51 -35.87
N LEU A 111 22.06 -31.44 -35.09
CA LEU A 111 20.87 -30.61 -34.95
C LEU A 111 20.45 -30.04 -36.30
N GLN A 112 21.44 -29.63 -37.12
CA GLN A 112 21.14 -29.11 -38.44
C GLN A 112 20.40 -30.12 -39.30
N GLU A 113 20.79 -31.40 -39.21
CA GLU A 113 20.07 -32.43 -39.96
C GLU A 113 18.68 -32.66 -39.39
N GLN A 114 18.55 -32.63 -38.06
CA GLN A 114 17.24 -32.78 -37.44
C GLN A 114 16.31 -31.64 -37.83
N ILE A 115 16.83 -30.41 -37.87
CA ILE A 115 16.03 -29.27 -38.33
C ILE A 115 15.63 -29.47 -39.79
N GLY A 116 16.56 -29.96 -40.61
CA GLY A 116 16.25 -30.17 -42.01
C GLY A 116 15.14 -31.18 -42.23
N TRP A 117 15.16 -32.28 -41.48
CA TRP A 117 14.10 -33.27 -41.61
C TRP A 117 12.75 -32.71 -41.13
N MET A 118 12.76 -32.00 -40.01
CA MET A 118 11.51 -31.57 -39.40
C MET A 118 10.87 -30.40 -40.13
N THR A 119 11.67 -29.55 -40.77
CA THR A 119 11.16 -28.42 -41.54
C THR A 119 11.06 -28.72 -43.03
N HIS A 120 11.28 -29.96 -43.44
CA HIS A 120 11.19 -30.31 -44.84
C HIS A 120 9.72 -30.27 -45.31
N ASN A 121 9.53 -30.30 -46.61
CA ASN A 121 8.20 -30.32 -47.22
C ASN A 121 8.12 -31.51 -48.17
N PRO A 122 7.45 -32.60 -47.77
CA PRO A 122 6.78 -32.78 -46.47
C PRO A 122 7.77 -33.11 -45.35
N PRO A 123 7.41 -32.77 -44.11
CA PRO A 123 8.34 -32.99 -43.00
C PRO A 123 8.49 -34.48 -42.68
N ILE A 124 9.71 -34.85 -42.30
CA ILE A 124 9.99 -36.15 -41.69
C ILE A 124 10.14 -35.91 -40.20
N PRO A 125 9.12 -36.19 -39.39
CA PRO A 125 9.10 -35.74 -37.98
C PRO A 125 9.91 -36.65 -37.08
N VAL A 126 11.24 -36.55 -37.18
CA VAL A 126 12.11 -37.41 -36.37
C VAL A 126 11.91 -37.15 -34.89
N GLY A 127 11.56 -35.91 -34.54
CA GLY A 127 11.29 -35.61 -33.14
C GLY A 127 10.08 -36.33 -32.60
N GLU A 128 9.01 -36.40 -33.40
CA GLU A 128 7.82 -37.12 -32.97
C GLU A 128 8.02 -38.63 -33.03
N ILE A 129 8.82 -39.12 -33.98
CA ILE A 129 9.12 -40.55 -34.02
C ILE A 129 9.95 -40.94 -32.81
N TYR A 130 11.01 -40.17 -32.53
CA TYR A 130 11.82 -40.42 -31.34
C TYR A 130 10.96 -40.35 -30.08
N LYS A 131 10.11 -39.32 -29.99
CA LYS A 131 9.25 -39.17 -28.82
C LYS A 131 8.36 -40.39 -28.62
N ARG A 132 7.87 -40.96 -29.71
N ARG A 132 7.89 -40.98 -29.71
CA ARG A 132 7.08 -42.19 -29.63
CA ARG A 132 7.07 -42.18 -29.58
C ARG A 132 7.87 -43.32 -28.99
C ARG A 132 7.87 -43.34 -28.99
N TRP A 133 9.14 -43.46 -29.38
CA TRP A 133 9.98 -44.51 -28.82
C TRP A 133 10.24 -44.28 -27.34
N ILE A 134 10.51 -43.02 -26.95
CA ILE A 134 10.79 -42.71 -25.55
C ILE A 134 9.56 -42.99 -24.69
N ILE A 135 8.38 -42.53 -25.15
CA ILE A 135 7.16 -42.73 -24.38
C ILE A 135 6.84 -44.21 -24.28
N LEU A 136 7.12 -44.97 -25.34
CA LEU A 136 6.99 -46.43 -25.26
C LEU A 136 7.86 -46.99 -24.15
N GLY A 137 9.10 -46.52 -24.05
CA GLY A 137 9.98 -46.99 -22.98
C GLY A 137 9.56 -46.47 -21.62
N LEU A 138 9.09 -45.22 -21.57
CA LEU A 138 8.61 -44.68 -20.29
C LEU A 138 7.39 -45.44 -19.79
N ASN A 139 6.52 -45.87 -20.70
CA ASN A 139 5.36 -46.66 -20.29
C ASN A 139 5.79 -47.98 -19.66
N LYS A 140 6.87 -48.58 -20.17
CA LYS A 140 7.37 -49.82 -19.59
C LYS A 140 7.90 -49.58 -18.17
N ILE A 141 8.52 -48.43 -17.93
CA ILE A 141 9.06 -48.12 -16.61
C ILE A 141 7.92 -47.91 -15.62
N VAL A 142 6.89 -47.16 -16.02
CA VAL A 142 5.73 -46.96 -15.16
C VAL A 142 5.10 -48.29 -14.80
N ARG A 143 5.03 -49.22 -15.77
CA ARG A 143 4.57 -50.57 -15.48
C ARG A 143 5.42 -51.21 -14.40
N MET A 144 6.74 -51.20 -14.58
CA MET A 144 7.63 -51.96 -13.70
C MET A 144 7.73 -51.35 -12.31
N TYR A 145 7.67 -50.03 -12.21
CA TYR A 145 7.79 -49.36 -10.92
C TYR A 145 6.46 -49.15 -10.22
N SER A 146 5.38 -49.74 -10.74
CA SER A 146 4.11 -49.74 -10.05
C SER A 146 4.14 -50.74 -8.90
N PRO A 147 3.87 -50.31 -7.66
CA PRO A 147 3.99 -51.24 -6.54
C PRO A 147 2.85 -52.25 -6.44
N THR A 148 1.65 -51.92 -6.93
CA THR A 148 0.47 -52.72 -6.67
C THR A 148 -0.07 -53.34 -7.95
N SER A 149 -0.63 -54.54 -7.82
CA SER A 149 -1.33 -55.21 -8.91
C SER A 149 -2.83 -55.01 -8.76
N ILE A 150 -3.53 -54.98 -9.90
CA ILE A 150 -4.97 -54.70 -9.90
C ILE A 150 -5.75 -55.76 -9.13
N LEU A 151 -5.23 -56.99 -9.05
CA LEU A 151 -5.95 -58.03 -8.32
C LEU A 151 -5.91 -57.84 -6.82
N ASP A 152 -5.01 -57.00 -6.32
CA ASP A 152 -4.86 -56.78 -4.88
C ASP A 152 -5.62 -55.56 -4.39
N ILE A 153 -6.36 -54.88 -5.26
CA ILE A 153 -7.14 -53.71 -4.86
C ILE A 153 -8.50 -54.22 -4.39
N ARG A 154 -8.69 -54.28 -3.07
CA ARG A 154 -9.92 -54.73 -2.46
C ARG A 154 -10.40 -53.65 -1.51
N GLN A 155 -11.70 -53.34 -1.54
CA GLN A 155 -12.24 -52.33 -0.64
C GLN A 155 -12.26 -52.84 0.79
N GLY A 156 -11.78 -52.02 1.71
CA GLY A 156 -11.82 -52.33 3.13
C GLY A 156 -13.24 -52.29 3.67
N PRO A 157 -13.46 -52.96 4.81
CA PRO A 157 -14.82 -53.00 5.36
C PRO A 157 -15.34 -51.64 5.80
N LYS A 158 -14.45 -50.70 6.14
CA LYS A 158 -14.85 -49.34 6.49
C LYS A 158 -14.24 -48.31 5.55
N GLU A 159 -13.75 -48.75 4.41
CA GLU A 159 -13.14 -47.81 3.48
C GLU A 159 -14.21 -47.20 2.60
N PRO A 160 -14.27 -45.87 2.48
CA PRO A 160 -15.25 -45.25 1.59
C PRO A 160 -15.05 -45.72 0.15
N PHE A 161 -16.16 -45.94 -0.55
CA PHE A 161 -16.09 -46.46 -1.91
C PHE A 161 -15.28 -45.54 -2.81
N ARG A 162 -15.39 -44.22 -2.60
CA ARG A 162 -14.63 -43.28 -3.41
C ARG A 162 -13.13 -43.50 -3.28
N ASP A 163 -12.65 -43.74 -2.05
CA ASP A 163 -11.22 -43.99 -1.87
C ASP A 163 -10.82 -45.30 -2.53
N TYR A 164 -11.71 -46.30 -2.49
CA TYR A 164 -11.43 -47.58 -3.13
C TYR A 164 -11.32 -47.43 -4.64
N VAL A 165 -12.24 -46.67 -5.25
CA VAL A 165 -12.17 -46.45 -6.69
C VAL A 165 -10.95 -45.62 -7.05
N ASP A 166 -10.57 -44.67 -6.18
CA ASP A 166 -9.32 -43.94 -6.38
C ASP A 166 -8.13 -44.88 -6.49
N ARG A 167 -8.02 -45.83 -5.56
CA ARG A 167 -6.92 -46.78 -5.59
C ARG A 167 -7.01 -47.70 -6.81
N PHE A 168 -8.22 -48.15 -7.13
CA PHE A 168 -8.42 -49.05 -8.26
C PHE A 168 -7.88 -48.46 -9.55
N TYR A 169 -8.34 -47.26 -9.91
CA TYR A 169 -7.96 -46.69 -11.20
C TYR A 169 -6.55 -46.11 -11.18
N LYS A 170 -6.06 -45.68 -10.02
CA LYS A 170 -4.65 -45.33 -9.91
C LYS A 170 -3.78 -46.53 -10.26
N THR A 171 -4.09 -47.69 -9.67
CA THR A 171 -3.34 -48.91 -9.98
C THR A 171 -3.53 -49.30 -11.44
N LEU A 172 -4.77 -49.27 -11.93
CA LEU A 172 -5.04 -49.66 -13.32
C LEU A 172 -4.32 -48.75 -14.31
N ARG A 173 -4.18 -47.47 -13.99
CA ARG A 173 -3.52 -46.54 -14.88
C ARG A 173 -2.04 -46.84 -15.04
N ALA A 174 -1.38 -47.33 -13.99
CA ALA A 174 0.04 -47.64 -14.07
C ALA A 174 0.33 -48.88 -14.89
N GLU A 175 -0.64 -49.79 -15.04
CA GLU A 175 -0.50 -50.92 -15.95
C GLU A 175 -1.06 -50.48 -17.30
N GLN A 176 -0.20 -49.90 -18.13
CA GLN A 176 -0.64 -49.36 -19.41
C GLN A 176 -0.91 -50.48 -20.40
N ALA A 177 -2.09 -50.43 -21.02
CA ALA A 177 -2.51 -51.37 -22.05
C ALA A 177 -3.67 -50.71 -22.80
N SER A 178 -4.30 -51.46 -23.69
CA SER A 178 -5.44 -50.93 -24.42
C SER A 178 -6.64 -50.77 -23.50
N GLN A 179 -7.57 -49.90 -23.90
CA GLN A 179 -8.78 -49.69 -23.11
C GLN A 179 -9.64 -50.93 -23.04
N GLU A 180 -9.62 -51.74 -24.11
CA GLU A 180 -10.32 -53.02 -24.06
C GLU A 180 -9.83 -53.88 -22.90
N VAL A 181 -8.56 -53.72 -22.54
CA VAL A 181 -8.01 -54.48 -21.42
C VAL A 181 -8.31 -53.76 -20.11
N LYS A 182 -8.45 -52.44 -20.14
CA LYS A 182 -8.80 -51.71 -18.92
C LYS A 182 -10.28 -51.81 -18.62
N ASN A 183 -11.13 -51.86 -19.65
CA ASN A 183 -12.55 -52.13 -19.43
C ASN A 183 -12.76 -53.56 -18.94
N ALA A 184 -11.90 -54.48 -19.35
CA ALA A 184 -12.02 -55.87 -18.88
C ALA A 184 -11.70 -55.97 -17.40
N ALA A 185 -10.65 -55.29 -16.95
CA ALA A 185 -10.31 -55.30 -15.53
C ALA A 185 -11.43 -54.70 -14.70
N THR A 186 -12.03 -53.60 -15.18
CA THR A 186 -13.13 -52.98 -14.45
C THR A 186 -14.33 -53.91 -14.33
N GLU A 187 -14.76 -54.49 -15.47
CA GLU A 187 -15.90 -55.39 -15.45
C GLU A 187 -15.61 -56.69 -14.70
N THR A 188 -14.34 -57.00 -14.42
CA THR A 188 -13.97 -58.24 -13.75
C THR A 188 -13.73 -58.05 -12.25
N LEU A 189 -13.42 -56.84 -11.80
CA LEU A 189 -12.84 -56.69 -10.47
C LEU A 189 -13.49 -55.60 -9.63
N LEU A 190 -13.93 -54.50 -10.25
CA LEU A 190 -14.35 -53.33 -9.48
C LEU A 190 -15.52 -53.65 -8.55
N VAL A 191 -16.59 -54.25 -9.10
CA VAL A 191 -17.72 -54.61 -8.24
C VAL A 191 -17.38 -55.83 -7.40
N GLN A 192 -16.67 -56.80 -7.98
CA GLN A 192 -16.40 -58.06 -7.28
C GLN A 192 -15.52 -57.85 -6.05
N ASN A 193 -14.69 -56.81 -6.03
CA ASN A 193 -13.77 -56.57 -4.94
C ASN A 193 -14.19 -55.42 -4.04
N ALA A 194 -15.40 -54.90 -4.21
CA ALA A 194 -15.96 -54.00 -3.21
C ALA A 194 -16.30 -54.78 -1.95
N ASN A 195 -16.40 -54.05 -0.83
CA ASN A 195 -16.70 -54.70 0.45
C ASN A 195 -18.12 -55.25 0.43
N PRO A 196 -18.46 -56.16 1.35
CA PRO A 196 -19.78 -56.83 1.27
C PRO A 196 -20.98 -55.90 1.23
N ASP A 197 -20.95 -54.81 2.01
CA ASP A 197 -22.10 -53.91 2.03
C ASP A 197 -22.30 -53.23 0.67
N CYS A 198 -21.22 -52.63 0.14
CA CYS A 198 -21.35 -51.93 -1.13
C CYS A 198 -21.50 -52.92 -2.30
N LYS A 199 -20.86 -54.09 -2.21
CA LYS A 199 -20.98 -55.08 -3.28
C LYS A 199 -22.42 -55.50 -3.50
N THR A 200 -23.16 -55.78 -2.42
CA THR A 200 -24.55 -56.17 -2.57
C THR A 200 -25.40 -55.03 -3.13
N ILE A 201 -25.04 -53.78 -2.81
CA ILE A 201 -25.78 -52.64 -3.33
C ILE A 201 -25.53 -52.48 -4.83
N LEU A 202 -24.29 -52.71 -5.27
CA LEU A 202 -23.95 -52.48 -6.67
C LEU A 202 -24.49 -53.58 -7.58
N LYS A 203 -24.50 -54.82 -7.10
CA LYS A 203 -25.03 -55.91 -7.92
C LYS A 203 -26.52 -55.71 -8.21
N ALA A 204 -27.25 -55.08 -7.29
CA ALA A 204 -28.65 -54.76 -7.54
C ALA A 204 -28.80 -53.66 -8.58
N LEU A 205 -27.83 -52.75 -8.66
CA LEU A 205 -27.85 -51.73 -9.70
C LEU A 205 -27.71 -52.34 -11.10
N GLY A 206 -27.07 -53.49 -11.20
CA GLY A 206 -26.86 -54.14 -12.47
C GLY A 206 -25.65 -53.64 -13.22
N PRO A 207 -25.23 -54.38 -14.25
CA PRO A 207 -24.03 -54.00 -15.01
C PRO A 207 -24.14 -52.66 -15.74
N GLY A 208 -25.35 -52.18 -16.01
CA GLY A 208 -25.52 -50.94 -16.74
C GLY A 208 -25.36 -49.67 -15.92
N ALA A 209 -24.94 -49.80 -14.66
CA ALA A 209 -24.74 -48.63 -13.81
C ALA A 209 -23.46 -47.91 -14.17
N THR A 210 -23.55 -46.58 -14.30
CA THR A 210 -22.37 -45.75 -14.48
C THR A 210 -21.56 -45.69 -13.19
N LEU A 211 -20.32 -45.23 -13.31
CA LEU A 211 -19.50 -45.03 -12.11
C LEU A 211 -20.13 -43.99 -11.19
N GLU A 212 -20.66 -42.91 -11.76
CA GLU A 212 -21.37 -41.92 -10.97
C GLU A 212 -22.52 -42.56 -10.20
N GLU A 213 -23.28 -43.44 -10.85
CA GLU A 213 -24.38 -44.12 -10.18
C GLU A 213 -23.87 -45.10 -9.13
N MET A 214 -22.79 -45.83 -9.44
CA MET A 214 -22.19 -46.73 -8.47
C MET A 214 -21.68 -45.98 -7.24
N MET A 215 -21.01 -44.86 -7.45
CA MET A 215 -20.45 -44.11 -6.32
C MET A 215 -21.56 -43.46 -5.50
N THR A 216 -22.63 -43.00 -6.15
CA THR A 216 -23.74 -42.39 -5.42
C THR A 216 -24.42 -43.40 -4.50
N ALA A 217 -24.57 -44.65 -4.96
CA ALA A 217 -25.31 -45.65 -4.19
C ALA A 217 -24.52 -46.14 -2.98
N CYS A 218 -23.20 -46.05 -3.00
CA CYS A 218 -22.36 -46.54 -1.91
C CYS A 218 -21.79 -45.40 -1.06
N GLN A 219 -22.41 -44.23 -1.11
CA GLN A 219 -21.98 -43.10 -0.28
C GLN A 219 -22.28 -43.34 1.20
N PRO B 1 2.18 0.92 -19.83
CA PRO B 1 3.11 1.92 -20.37
C PRO B 1 2.91 2.16 -21.86
N ILE B 2 3.61 3.14 -22.41
CA ILE B 2 3.67 3.37 -23.85
C ILE B 2 5.07 2.94 -24.30
N VAL B 3 5.13 1.82 -25.02
CA VAL B 3 6.40 1.27 -25.48
C VAL B 3 6.36 1.13 -27.00
N GLN B 4 7.54 0.91 -27.57
CA GLN B 4 7.65 0.59 -28.99
C GLN B 4 7.44 -0.90 -29.18
N ASN B 5 6.63 -1.27 -30.16
CA ASN B 5 6.44 -2.67 -30.48
C ASN B 5 7.62 -3.14 -31.32
N LEU B 6 7.54 -4.35 -31.87
CA LEU B 6 8.64 -4.88 -32.65
C LEU B 6 8.74 -4.26 -34.04
N GLN B 7 8.00 -3.18 -34.32
CA GLN B 7 8.00 -2.60 -35.65
C GLN B 7 8.06 -1.06 -35.64
N GLY B 8 8.41 -0.45 -34.52
CA GLY B 8 8.63 0.98 -34.47
C GLY B 8 7.43 1.83 -34.14
N GLN B 9 6.32 1.24 -33.70
CA GLN B 9 5.11 1.97 -33.38
C GLN B 9 4.99 2.14 -31.87
N MET B 10 4.62 3.35 -31.44
CA MET B 10 4.37 3.62 -30.03
C MET B 10 2.94 3.22 -29.70
N VAL B 11 2.80 2.14 -28.93
CA VAL B 11 1.49 1.60 -28.59
C VAL B 11 1.38 1.47 -27.08
N HIS B 12 0.14 1.50 -26.58
CA HIS B 12 -0.11 1.28 -25.17
C HIS B 12 -0.02 -0.20 -24.86
N GLN B 13 0.57 -0.51 -23.71
CA GLN B 13 0.64 -1.88 -23.21
C GLN B 13 0.18 -1.90 -21.76
N CYS B 14 -0.50 -2.98 -21.38
CA CYS B 14 -0.91 -3.12 -19.98
C CYS B 14 0.31 -3.27 -19.09
N ILE B 15 0.23 -2.68 -17.89
CA ILE B 15 1.27 -2.89 -16.91
C ILE B 15 1.30 -4.36 -16.52
N SER B 16 2.49 -4.94 -16.47
CA SER B 16 2.57 -6.39 -16.30
C SER B 16 2.34 -6.78 -14.85
N PRO B 17 1.83 -7.99 -14.61
CA PRO B 17 1.71 -8.47 -13.22
C PRO B 17 3.04 -8.49 -12.49
N ARG B 18 4.14 -8.80 -13.18
CA ARG B 18 5.45 -8.76 -12.55
C ARG B 18 5.83 -7.34 -12.12
N THR B 19 5.50 -6.34 -12.95
CA THR B 19 5.83 -4.97 -12.57
C THR B 19 5.03 -4.53 -11.36
N LEU B 20 3.72 -4.81 -11.36
CA LEU B 20 2.88 -4.51 -10.20
C LEU B 20 3.40 -5.17 -8.94
N ASN B 21 3.67 -6.49 -9.02
CA ASN B 21 4.13 -7.22 -7.85
C ASN B 21 5.47 -6.71 -7.36
N ALA B 22 6.39 -6.41 -8.28
CA ALA B 22 7.71 -5.93 -7.88
C ALA B 22 7.61 -4.63 -7.10
N TRP B 23 6.76 -3.70 -7.57
CA TRP B 23 6.64 -2.42 -6.88
C TRP B 23 6.01 -2.58 -5.50
N VAL B 24 4.95 -3.39 -5.40
CA VAL B 24 4.32 -3.63 -4.11
C VAL B 24 5.31 -4.24 -3.13
N LYS B 25 6.11 -5.21 -3.60
CA LYS B 25 7.01 -5.91 -2.70
C LYS B 25 8.14 -5.01 -2.22
N VAL B 26 8.68 -4.15 -3.10
CA VAL B 26 9.81 -3.33 -2.70
C VAL B 26 9.40 -2.31 -1.65
N VAL B 27 8.18 -1.77 -1.75
CA VAL B 27 7.69 -0.88 -0.70
C VAL B 27 7.46 -1.65 0.59
N GLU B 28 6.93 -2.87 0.47
CA GLU B 28 6.73 -3.71 1.64
C GLU B 28 8.04 -3.99 2.36
N GLU B 29 9.10 -4.26 1.60
CA GLU B 29 10.37 -4.68 2.17
C GLU B 29 11.30 -3.53 2.52
N LYS B 30 11.28 -2.45 1.74
CA LYS B 30 12.24 -1.36 1.90
C LYS B 30 11.62 -0.06 2.39
N ALA B 31 10.29 0.01 2.51
CA ALA B 31 9.60 1.23 2.91
C ALA B 31 10.07 2.39 2.04
N PHE B 32 10.71 3.39 2.64
CA PHE B 32 11.20 4.55 1.89
C PHE B 32 12.69 4.74 2.10
N SER B 33 13.44 3.64 2.04
CA SER B 33 14.89 3.72 1.89
C SER B 33 15.21 4.38 0.56
N PRO B 34 16.39 5.02 0.44
CA PRO B 34 16.71 5.75 -0.80
C PRO B 34 16.63 4.89 -2.06
N GLU B 35 16.94 3.59 -1.98
CA GLU B 35 16.93 2.77 -3.19
C GLU B 35 15.52 2.49 -3.69
N VAL B 36 14.48 2.94 -2.99
CA VAL B 36 13.12 2.75 -3.48
C VAL B 36 12.83 3.68 -4.65
N ILE B 37 13.51 4.83 -4.72
CA ILE B 37 13.29 5.81 -5.77
C ILE B 37 13.76 5.27 -7.12
N PRO B 38 14.99 4.74 -7.24
CA PRO B 38 15.39 4.15 -8.53
C PRO B 38 14.52 2.97 -8.93
N MET B 39 14.12 2.14 -7.97
CA MET B 39 13.21 1.04 -8.28
C MET B 39 11.90 1.56 -8.86
N PHE B 40 11.33 2.62 -8.25
CA PHE B 40 10.09 3.16 -8.78
C PHE B 40 10.28 3.74 -10.18
N SER B 41 11.39 4.47 -10.39
CA SER B 41 11.63 5.09 -11.69
C SER B 41 11.79 4.04 -12.77
N ALA B 42 12.51 2.95 -12.48
CA ALA B 42 12.72 1.93 -13.50
C ALA B 42 11.46 1.12 -13.74
N LEU B 43 10.75 0.75 -12.67
CA LEU B 43 9.52 -0.02 -12.83
C LEU B 43 8.42 0.76 -13.54
N SER B 44 8.47 2.09 -13.49
CA SER B 44 7.51 2.94 -14.19
C SER B 44 8.06 3.44 -15.53
N CYS B 45 9.00 2.71 -16.12
CA CYS B 45 9.53 3.08 -17.42
C CYS B 45 8.42 3.12 -18.47
N GLY B 46 8.29 4.25 -19.14
CA GLY B 46 7.27 4.44 -20.16
C GLY B 46 5.85 4.55 -19.63
N ALA B 47 5.67 4.74 -18.33
CA ALA B 47 4.34 4.73 -17.73
C ALA B 47 3.50 5.92 -18.18
N THR B 48 2.19 5.67 -18.31
CA THR B 48 1.22 6.73 -18.41
C THR B 48 0.90 7.25 -17.03
N PRO B 49 0.23 8.41 -16.91
CA PRO B 49 -0.24 8.84 -15.59
C PRO B 49 -1.13 7.81 -14.91
N GLN B 50 -1.94 7.08 -15.68
CA GLN B 50 -2.76 6.03 -15.09
C GLN B 50 -1.90 4.94 -14.47
N ASP B 51 -0.83 4.52 -15.16
CA ASP B 51 0.07 3.53 -14.59
C ASP B 51 0.71 4.04 -13.30
N LEU B 52 1.15 5.29 -13.29
CA LEU B 52 1.74 5.87 -12.09
C LEU B 52 0.73 5.90 -10.95
N ASN B 53 -0.51 6.28 -11.23
CA ASN B 53 -1.53 6.26 -10.19
C ASN B 53 -1.81 4.84 -9.72
N THR B 54 -1.82 3.89 -10.66
CA THR B 54 -1.98 2.49 -10.29
C THR B 54 -0.90 2.05 -9.31
N MET B 55 0.36 2.36 -9.61
CA MET B 55 1.46 1.93 -8.77
C MET B 55 1.36 2.57 -7.39
N LEU B 56 1.07 3.86 -7.32
CA LEU B 56 0.94 4.52 -6.03
C LEU B 56 -0.27 4.00 -5.27
N ASN B 57 -1.35 3.66 -5.99
CA ASN B 57 -2.56 3.19 -5.33
C ASN B 57 -2.40 1.79 -4.76
N THR B 58 -1.56 0.95 -5.38
CA THR B 58 -1.39 -0.41 -4.87
C THR B 58 -0.59 -0.45 -3.58
N VAL B 59 0.03 0.66 -3.19
CA VAL B 59 0.77 0.71 -1.94
C VAL B 59 -0.21 0.56 -0.77
N GLY B 60 0.04 -0.42 0.08
CA GLY B 60 -0.74 -0.60 1.30
C GLY B 60 -0.03 0.06 2.46
N GLY B 61 -0.79 0.75 3.29
CA GLY B 61 -0.18 1.45 4.40
C GLY B 61 0.58 2.67 3.93
N HIS B 62 1.39 3.20 4.86
CA HIS B 62 2.18 4.42 4.63
C HIS B 62 1.32 5.53 4.05
N GLN B 63 0.06 5.60 4.48
CA GLN B 63 -0.87 6.57 3.90
C GLN B 63 -0.55 8.00 4.31
N ALA B 64 0.17 8.21 5.42
CA ALA B 64 0.66 9.54 5.73
C ALA B 64 1.67 10.00 4.68
N ALA B 65 2.63 9.14 4.34
CA ALA B 65 3.58 9.45 3.29
C ALA B 65 2.86 9.65 1.96
N MET B 66 1.92 8.76 1.63
CA MET B 66 1.22 8.86 0.36
C MET B 66 0.36 10.11 0.29
N GLN B 67 -0.15 10.59 1.43
CA GLN B 67 -0.90 11.84 1.43
C GLN B 67 0.03 13.03 1.21
N MET B 68 1.19 13.02 1.86
CA MET B 68 2.21 14.03 1.55
C MET B 68 2.56 14.01 0.07
N LEU B 69 2.57 12.82 -0.53
CA LEU B 69 2.83 12.70 -1.97
C LEU B 69 1.76 13.43 -2.77
N LYS B 70 0.49 13.27 -2.39
CA LYS B 70 -0.59 13.96 -3.10
C LYS B 70 -0.42 15.47 -3.02
N GLU B 71 -0.05 15.98 -1.85
CA GLU B 71 0.10 17.43 -1.69
C GLU B 71 1.25 17.96 -2.53
N THR B 72 2.37 17.23 -2.59
CA THR B 72 3.46 17.63 -3.47
C THR B 72 3.02 17.64 -4.92
N ILE B 73 2.27 16.62 -5.33
CA ILE B 73 1.79 16.55 -6.71
C ILE B 73 0.88 17.74 -7.02
N ASN B 74 0.02 18.10 -6.07
CA ASN B 74 -0.86 19.25 -6.27
C ASN B 74 -0.07 20.55 -6.33
N GLU B 75 1.00 20.67 -5.55
CA GLU B 75 1.84 21.87 -5.64
C GLU B 75 2.47 21.98 -7.02
N GLU B 76 3.01 20.88 -7.54
CA GLU B 76 3.62 20.91 -8.86
C GLU B 76 2.57 21.12 -9.94
N ALA B 77 1.38 20.54 -9.76
CA ALA B 77 0.31 20.75 -10.72
C ALA B 77 -0.09 22.23 -10.77
N ALA B 78 -0.19 22.88 -9.60
CA ALA B 78 -0.53 24.30 -9.57
C ALA B 78 0.55 25.14 -10.25
N GLU B 79 1.81 24.80 -10.04
CA GLU B 79 2.89 25.52 -10.71
C GLU B 79 2.84 25.33 -12.22
N TRP B 80 2.52 24.11 -12.66
CA TRP B 80 2.37 23.86 -14.09
C TRP B 80 1.25 24.73 -14.68
N ASP B 81 0.14 24.85 -13.96
CA ASP B 81 -0.97 25.67 -14.45
C ASP B 81 -0.58 27.14 -14.51
N ARG B 82 0.22 27.62 -13.56
CA ARG B 82 0.64 29.01 -13.56
C ARG B 82 1.61 29.30 -14.71
N LEU B 83 2.43 28.31 -15.08
CA LEU B 83 3.40 28.48 -16.15
C LEU B 83 2.79 28.23 -17.53
N HIS B 84 1.66 27.54 -17.61
CA HIS B 84 1.00 27.21 -18.86
C HIS B 84 -0.44 27.68 -18.79
N PRO B 85 -0.69 28.97 -18.99
CA PRO B 85 -2.06 29.46 -18.99
C PRO B 85 -2.83 28.88 -20.17
N VAL B 86 -4.06 28.44 -19.89
CA VAL B 86 -4.84 27.73 -20.90
C VAL B 86 -5.36 28.71 -21.94
N HIS B 87 -5.39 28.27 -23.19
CA HIS B 87 -5.89 29.06 -24.32
C HIS B 87 -7.23 28.47 -24.73
N ALA B 88 -8.31 29.23 -24.49
CA ALA B 88 -9.64 28.76 -24.83
C ALA B 88 -9.82 28.68 -26.35
N GLY B 89 -10.63 27.72 -26.79
CA GLY B 89 -10.88 27.53 -28.19
C GLY B 89 -11.18 26.09 -28.56
N PRO B 90 -11.91 25.89 -29.65
CA PRO B 90 -12.24 24.53 -30.08
C PRO B 90 -11.00 23.82 -30.61
N ILE B 91 -10.85 22.56 -30.23
CA ILE B 91 -9.70 21.77 -30.62
C ILE B 91 -9.84 21.36 -32.08
N ALA B 92 -8.75 21.53 -32.84
CA ALA B 92 -8.75 21.19 -34.25
C ALA B 92 -8.85 19.69 -34.44
N PRO B 93 -9.28 19.24 -35.63
CA PRO B 93 -9.39 17.79 -35.88
C PRO B 93 -8.18 16.97 -35.46
N GLY B 94 -6.98 17.34 -35.92
CA GLY B 94 -5.79 16.54 -35.65
C GLY B 94 -5.23 16.62 -34.25
N GLN B 95 -5.11 17.83 -33.71
CA GLN B 95 -4.35 18.08 -32.49
C GLN B 95 -5.09 17.53 -31.26
N MET B 96 -4.50 17.80 -30.10
CA MET B 96 -5.06 17.47 -28.80
C MET B 96 -5.06 18.71 -27.92
N ARG B 97 -6.00 18.75 -26.98
CA ARG B 97 -6.06 19.88 -26.06
C ARG B 97 -4.82 19.93 -25.19
N GLU B 98 -4.43 21.14 -24.81
CA GLU B 98 -3.29 21.29 -23.92
C GLU B 98 -3.64 20.75 -22.54
N PRO B 99 -2.73 20.04 -21.89
CA PRO B 99 -3.04 19.43 -20.60
C PRO B 99 -2.85 20.39 -19.43
N ARG B 100 -3.79 20.31 -18.49
N ARG B 100 -3.79 20.32 -18.49
CA ARG B 100 -3.67 21.04 -17.24
CA ARG B 100 -3.66 21.05 -17.24
C ARG B 100 -2.87 20.21 -16.24
C ARG B 100 -2.82 20.24 -16.26
N GLY B 101 -2.64 20.78 -15.05
CA GLY B 101 -1.91 20.04 -14.04
C GLY B 101 -2.61 18.76 -13.62
N SER B 102 -3.94 18.82 -13.48
CA SER B 102 -4.71 17.64 -13.12
C SER B 102 -4.76 16.62 -14.24
N ASP B 103 -4.54 17.05 -15.50
CA ASP B 103 -4.45 16.08 -16.59
C ASP B 103 -3.15 15.30 -16.55
N ILE B 104 -2.04 15.99 -16.25
CA ILE B 104 -0.76 15.30 -16.08
C ILE B 104 -0.83 14.33 -14.91
N ALA B 105 -1.47 14.73 -13.81
CA ALA B 105 -1.60 13.85 -12.66
C ALA B 105 -2.62 12.75 -12.89
N GLY B 106 -3.36 12.78 -13.99
CA GLY B 106 -4.27 11.71 -14.33
C GLY B 106 -5.62 11.76 -13.66
N THR B 107 -5.95 12.85 -12.97
CA THR B 107 -7.23 12.95 -12.26
C THR B 107 -8.35 13.46 -13.14
N THR B 108 -8.03 14.26 -14.16
CA THR B 108 -9.04 14.81 -15.06
C THR B 108 -8.80 14.42 -16.50
N SER B 109 -7.93 13.46 -16.76
CA SER B 109 -7.64 13.00 -18.11
C SER B 109 -7.92 11.51 -18.21
N THR B 110 -8.39 11.09 -19.38
CA THR B 110 -8.60 9.68 -19.64
C THR B 110 -7.31 9.04 -20.12
N LEU B 111 -7.29 7.70 -20.10
CA LEU B 111 -6.15 6.97 -20.64
C LEU B 111 -5.94 7.31 -22.11
N GLN B 112 -7.02 7.44 -22.86
CA GLN B 112 -6.89 7.73 -24.29
C GLN B 112 -6.29 9.11 -24.52
N GLU B 113 -6.66 10.10 -23.70
CA GLU B 113 -6.05 11.42 -23.82
C GLU B 113 -4.57 11.36 -23.46
N GLN B 114 -4.22 10.57 -22.43
CA GLN B 114 -2.81 10.43 -22.06
C GLN B 114 -2.02 9.76 -23.19
N ILE B 115 -2.60 8.74 -23.82
CA ILE B 115 -1.95 8.12 -24.98
C ILE B 115 -1.80 9.13 -26.10
N GLY B 116 -2.82 9.97 -26.32
CA GLY B 116 -2.75 10.96 -27.38
C GLY B 116 -1.63 11.96 -27.16
N TRP B 117 -1.46 12.43 -25.93
CA TRP B 117 -0.39 13.37 -25.63
C TRP B 117 0.98 12.72 -25.79
N MET B 118 1.13 11.48 -25.30
CA MET B 118 2.44 10.85 -25.27
C MET B 118 2.88 10.36 -26.64
N THR B 119 1.93 9.98 -27.50
CA THR B 119 2.23 9.53 -28.85
C THR B 119 2.07 10.63 -29.89
N HIS B 120 1.85 11.88 -29.46
CA HIS B 120 1.72 12.97 -30.39
C HIS B 120 3.08 13.29 -31.02
N ASN B 121 3.07 14.08 -32.08
CA ASN B 121 4.29 14.52 -32.76
C ASN B 121 4.27 16.03 -32.85
N PRO B 122 5.05 16.73 -32.00
CA PRO B 122 5.95 16.17 -30.98
C PRO B 122 5.19 15.69 -29.74
N PRO B 123 5.76 14.74 -29.02
CA PRO B 123 5.06 14.19 -27.85
C PRO B 123 4.99 15.19 -26.71
N ILE B 124 3.87 15.13 -25.98
CA ILE B 124 3.74 15.82 -24.71
C ILE B 124 3.91 14.75 -23.63
N PRO B 125 5.08 14.63 -23.02
CA PRO B 125 5.35 13.46 -22.16
C PRO B 125 4.76 13.61 -20.77
N VAL B 126 3.43 13.50 -20.69
CA VAL B 126 2.74 13.69 -19.42
C VAL B 126 3.16 12.65 -18.39
N GLY B 127 3.51 11.44 -18.86
CA GLY B 127 3.98 10.42 -17.93
C GLY B 127 5.30 10.77 -17.27
N GLU B 128 6.24 11.30 -18.05
CA GLU B 128 7.52 11.71 -17.47
C GLU B 128 7.40 12.97 -16.64
N ILE B 129 6.49 13.88 -17.02
CA ILE B 129 6.26 15.07 -16.20
C ILE B 129 5.66 14.67 -14.86
N TYR B 130 4.62 13.84 -14.89
CA TYR B 130 4.04 13.33 -13.64
C TYR B 130 5.07 12.58 -12.81
N LYS B 131 5.84 11.70 -13.45
CA LYS B 131 6.84 10.93 -12.71
C LYS B 131 7.85 11.85 -12.03
N ARG B 132 8.21 12.95 -12.69
CA ARG B 132 9.10 13.93 -12.08
C ARG B 132 8.49 14.50 -10.79
N TRP B 133 7.19 14.79 -10.82
CA TRP B 133 6.52 15.29 -9.62
C TRP B 133 6.49 14.23 -8.52
N ILE B 134 6.22 12.98 -8.89
CA ILE B 134 6.14 11.91 -7.90
C ILE B 134 7.49 11.68 -7.24
N ILE B 135 8.56 11.60 -8.05
CA ILE B 135 9.88 11.37 -7.50
C ILE B 135 10.31 12.54 -6.62
N LEU B 136 9.93 13.76 -7.01
CA LEU B 136 10.15 14.91 -6.13
C LEU B 136 9.46 14.71 -4.78
N GLY B 137 8.22 14.23 -4.80
CA GLY B 137 7.51 13.99 -3.56
C GLY B 137 8.06 12.80 -2.80
N LEU B 138 8.44 11.74 -3.51
CA LEU B 138 9.03 10.58 -2.85
C LEU B 138 10.35 10.95 -2.18
N ASN B 139 11.13 11.83 -2.81
CA ASN B 139 12.39 12.29 -2.22
C ASN B 139 12.14 13.03 -0.91
N LYS B 140 11.05 13.79 -0.83
CA LYS B 140 10.72 14.48 0.41
C LYS B 140 10.39 13.48 1.51
N ILE B 141 9.74 12.38 1.15
CA ILE B 141 9.38 11.37 2.13
C ILE B 141 10.62 10.67 2.65
N VAL B 142 11.54 10.31 1.74
CA VAL B 142 12.79 9.65 2.14
C VAL B 142 13.56 10.53 3.12
N ARG B 143 13.71 11.82 2.79
CA ARG B 143 14.43 12.73 3.68
C ARG B 143 13.76 12.83 5.04
N MET B 144 12.42 12.87 5.06
CA MET B 144 11.71 12.98 6.33
C MET B 144 11.79 11.69 7.15
N TYR B 145 11.81 10.55 6.48
CA TYR B 145 11.87 9.26 7.17
C TYR B 145 13.29 8.80 7.44
N SER B 146 14.28 9.64 7.17
CA SER B 146 15.66 9.32 7.55
C SER B 146 15.80 9.52 9.06
N PRO B 147 16.18 8.48 9.81
CA PRO B 147 16.20 8.60 11.28
C PRO B 147 17.39 9.39 11.82
N THR B 148 18.52 9.33 11.12
CA THR B 148 19.78 9.84 11.65
C THR B 148 20.29 11.00 10.81
N SER B 149 20.95 11.93 11.47
CA SER B 149 21.63 13.05 10.83
C SER B 149 23.11 12.73 10.64
N ILE B 150 23.69 13.30 9.59
CA ILE B 150 25.09 13.02 9.26
C ILE B 150 26.02 13.46 10.38
N LEU B 151 25.59 14.43 11.19
CA LEU B 151 26.43 14.91 12.29
C LEU B 151 26.52 13.90 13.42
N ASP B 152 25.62 12.91 13.47
CA ASP B 152 25.62 11.91 14.52
C ASP B 152 26.31 10.62 14.10
N ILE B 153 26.85 10.54 12.89
CA ILE B 153 27.56 9.36 12.43
C ILE B 153 29.04 9.54 12.78
N ARG B 154 29.48 8.87 13.85
CA ARG B 154 30.87 8.90 14.26
C ARG B 154 31.39 7.48 14.42
N GLN B 155 32.63 7.26 13.98
CA GLN B 155 33.24 5.94 14.07
C GLN B 155 33.50 5.57 15.51
N GLY B 156 33.15 4.34 15.88
CA GLY B 156 33.45 3.82 17.19
C GLY B 156 34.93 3.58 17.37
N PRO B 157 35.40 3.52 18.62
CA PRO B 157 36.84 3.33 18.86
C PRO B 157 37.36 2.00 18.35
N LYS B 158 36.52 0.98 18.25
CA LYS B 158 36.91 -0.32 17.71
C LYS B 158 36.09 -0.68 16.47
N GLU B 159 35.43 0.29 15.87
CA GLU B 159 34.62 -0.01 14.69
C GLU B 159 35.49 0.02 13.44
N PRO B 160 35.44 -1.01 12.60
CA PRO B 160 36.23 -0.98 11.36
C PRO B 160 35.84 0.21 10.49
N PHE B 161 36.85 0.82 9.88
CA PHE B 161 36.63 2.03 9.09
C PHE B 161 35.62 1.78 7.97
N ARG B 162 35.66 0.59 7.38
CA ARG B 162 34.72 0.27 6.31
C ARG B 162 33.27 0.36 6.78
N ASP B 163 32.99 -0.18 7.96
CA ASP B 163 31.62 -0.13 8.48
C ASP B 163 31.19 1.29 8.78
N TYR B 164 32.12 2.12 9.25
CA TYR B 164 31.81 3.53 9.52
C TYR B 164 31.49 4.28 8.24
N VAL B 165 32.29 4.07 7.18
CA VAL B 165 32.02 4.74 5.91
C VAL B 165 30.72 4.22 5.30
N ASP B 166 30.40 2.94 5.49
CA ASP B 166 29.10 2.41 5.06
C ASP B 166 27.96 3.20 5.71
N ARG B 167 28.02 3.40 7.03
CA ARG B 167 26.97 4.12 7.73
C ARG B 167 26.96 5.59 7.35
N PHE B 168 28.14 6.20 7.22
CA PHE B 168 28.24 7.60 6.85
C PHE B 168 27.52 7.89 5.54
N TYR B 169 27.87 7.18 4.48
CA TYR B 169 27.31 7.47 3.17
C TYR B 169 25.89 6.94 3.01
N LYS B 170 25.52 5.89 3.75
CA LYS B 170 24.11 5.51 3.81
C LYS B 170 23.27 6.65 4.37
N THR B 171 23.72 7.24 5.49
CA THR B 171 23.02 8.37 6.08
C THR B 171 23.04 9.58 5.15
N LEU B 172 24.20 9.87 4.54
CA LEU B 172 24.30 11.03 3.66
C LEU B 172 23.36 10.91 2.47
N ARG B 173 23.15 9.69 1.96
CA ARG B 173 22.25 9.51 0.83
C ARG B 173 20.81 9.81 1.22
N ALA B 174 20.41 9.46 2.44
CA ALA B 174 19.04 9.74 2.88
C ALA B 174 18.86 11.22 3.21
N GLU B 175 19.93 11.88 3.67
CA GLU B 175 19.92 13.33 3.91
C GLU B 175 20.13 14.02 2.57
N GLN B 176 19.04 14.10 1.81
CA GLN B 176 19.12 14.61 0.44
C GLN B 176 19.31 16.12 0.44
N GLN B 179 24.40 19.05 -4.31
CA GLN B 179 25.74 18.50 -4.40
C GLN B 179 26.75 19.38 -3.66
N GLU B 180 26.40 20.66 -3.53
CA GLU B 180 27.33 21.63 -2.92
C GLU B 180 27.64 21.27 -1.48
N VAL B 181 26.69 20.65 -0.78
CA VAL B 181 26.87 20.26 0.61
C VAL B 181 27.21 18.77 0.76
N LYS B 182 26.89 17.95 -0.24
CA LYS B 182 27.27 16.54 -0.15
C LYS B 182 28.77 16.38 -0.33
N ASN B 183 29.38 17.22 -1.17
CA ASN B 183 30.84 17.32 -1.17
C ASN B 183 31.34 17.94 0.13
N ALA B 184 30.50 18.76 0.79
CA ALA B 184 30.91 19.38 2.03
C ALA B 184 31.10 18.35 3.14
N ALA B 185 30.15 17.42 3.27
CA ALA B 185 30.31 16.35 4.25
C ALA B 185 31.52 15.47 3.91
N THR B 186 31.66 15.12 2.64
CA THR B 186 32.79 14.31 2.18
C THR B 186 34.11 15.06 2.37
N GLU B 187 35.17 14.30 2.68
CA GLU B 187 36.54 14.80 2.80
C GLU B 187 36.82 15.59 4.07
N THR B 188 35.80 16.13 4.73
CA THR B 188 36.15 16.83 5.97
C THR B 188 35.28 16.39 7.15
N LEU B 189 33.98 16.22 6.96
CA LEU B 189 33.19 15.63 8.03
C LEU B 189 33.54 14.16 8.21
N LEU B 190 33.87 13.47 7.13
CA LEU B 190 34.21 12.05 7.20
C LEU B 190 35.44 11.84 8.07
N VAL B 191 36.45 12.68 7.89
CA VAL B 191 37.65 12.59 8.72
C VAL B 191 37.36 13.04 10.14
N GLN B 192 36.61 14.14 10.30
CA GLN B 192 36.37 14.68 11.62
C GLN B 192 35.59 13.71 12.50
N ASN B 193 34.72 12.91 11.93
CA ASN B 193 33.93 11.97 12.71
C ASN B 193 34.56 10.58 12.79
N ALA B 194 35.76 10.41 12.25
CA ALA B 194 36.51 9.19 12.49
C ALA B 194 37.04 9.15 13.92
N ASN B 195 37.32 7.93 14.40
CA ASN B 195 37.84 7.78 15.75
C ASN B 195 39.26 8.33 15.82
N PRO B 196 39.78 8.60 17.03
CA PRO B 196 41.12 9.21 17.12
C PRO B 196 42.20 8.42 16.42
N ASP B 197 42.12 7.08 16.46
CA ASP B 197 43.16 6.26 15.84
C ASP B 197 43.20 6.47 14.33
N CYS B 198 42.05 6.34 13.66
CA CYS B 198 42.03 6.53 12.22
C CYS B 198 42.18 7.99 11.83
N LYS B 199 41.65 8.91 12.65
CA LYS B 199 41.79 10.33 12.36
C LYS B 199 43.25 10.73 12.24
N THR B 200 44.10 10.22 13.15
CA THR B 200 45.53 10.54 13.12
C THR B 200 46.18 9.99 11.85
N ILE B 201 45.71 8.85 11.36
CA ILE B 201 46.25 8.32 10.11
C ILE B 201 45.80 9.18 8.92
N LEU B 202 44.57 9.69 8.97
CA LEU B 202 44.02 10.42 7.82
C LEU B 202 44.60 11.82 7.69
N LYS B 203 44.97 12.47 8.79
CA LYS B 203 45.61 13.77 8.66
C LYS B 203 47.00 13.64 8.03
N ALA B 204 47.67 12.51 8.28
CA ALA B 204 48.98 12.28 7.68
C ALA B 204 48.88 12.05 6.17
N LEU B 205 47.74 11.52 5.70
CA LEU B 205 47.55 11.36 4.26
C LEU B 205 47.54 12.71 3.54
N GLY B 206 47.08 13.77 4.21
CA GLY B 206 47.03 15.07 3.61
C GLY B 206 45.81 15.26 2.74
N PRO B 207 45.52 16.50 2.36
CA PRO B 207 44.38 16.76 1.49
C PRO B 207 44.59 16.13 0.11
N GLY B 208 43.47 15.79 -0.53
CA GLY B 208 43.51 15.16 -1.84
C GLY B 208 43.52 13.66 -1.83
N ALA B 209 43.37 13.02 -0.66
CA ALA B 209 43.32 11.57 -0.60
C ALA B 209 41.97 11.07 -1.11
N THR B 210 42.01 10.07 -1.98
CA THR B 210 40.79 9.43 -2.42
C THR B 210 40.18 8.59 -1.30
N LEU B 211 38.91 8.22 -1.46
CA LEU B 211 38.28 7.34 -0.49
C LEU B 211 39.00 6.00 -0.42
N GLU B 212 39.45 5.49 -1.58
N GLU B 212 39.45 5.49 -1.58
CA GLU B 212 40.23 4.26 -1.60
CA GLU B 212 40.23 4.26 -1.60
C GLU B 212 41.49 4.39 -0.75
C GLU B 212 41.49 4.39 -0.75
N GLU B 213 42.20 5.51 -0.88
CA GLU B 213 43.40 5.72 -0.09
C GLU B 213 43.07 5.88 1.38
N MET B 214 41.99 6.59 1.69
CA MET B 214 41.56 6.74 3.07
C MET B 214 41.18 5.38 3.68
N MET B 215 40.43 4.56 2.94
CA MET B 215 40.00 3.28 3.48
C MET B 215 41.16 2.30 3.59
N THR B 216 42.12 2.36 2.65
CA THR B 216 43.28 1.49 2.74
C THR B 216 44.13 1.82 3.96
N ALA B 217 44.27 3.11 4.27
CA ALA B 217 45.16 3.52 5.36
C ALA B 217 44.61 3.19 6.75
N CYS B 218 43.29 3.05 6.89
CA CYS B 218 42.68 2.78 8.18
C CYS B 218 42.16 1.34 8.30
N GLN B 219 42.66 0.42 7.46
CA GLN B 219 42.27 -0.97 7.62
C GLN B 219 42.85 -1.59 8.89
N GLY B 220 44.05 -1.17 9.29
CA GLY B 220 44.69 -1.69 10.48
C GLY B 220 45.61 -0.69 11.15
N PRO C 1 -31.60 33.37 42.14
CA PRO C 1 -30.28 33.09 42.71
C PRO C 1 -30.31 32.73 44.19
N ILE C 2 -29.16 32.34 44.73
CA ILE C 2 -28.97 32.17 46.16
C ILE C 2 -28.11 33.32 46.63
N VAL C 3 -28.71 34.23 47.40
CA VAL C 3 -27.98 35.40 47.88
C VAL C 3 -28.01 35.39 49.40
N GLN C 4 -27.11 36.18 49.98
CA GLN C 4 -27.11 36.40 51.41
C GLN C 4 -28.05 37.56 51.70
N ASN C 5 -28.92 37.39 52.69
CA ASN C 5 -29.82 38.47 53.06
C ASN C 5 -29.08 39.48 53.93
N LEU C 6 -29.78 40.55 54.32
CA LEU C 6 -29.11 41.64 55.01
C LEU C 6 -28.90 41.33 56.49
N GLN C 7 -28.67 40.05 56.81
CA GLN C 7 -28.21 39.66 58.14
C GLN C 7 -27.16 38.56 58.13
N GLY C 8 -27.10 37.71 57.10
CA GLY C 8 -26.04 36.72 57.03
C GLY C 8 -26.49 35.33 56.60
N GLN C 9 -27.73 35.21 56.15
CA GLN C 9 -28.30 33.92 55.76
C GLN C 9 -28.33 33.79 54.25
N MET C 10 -27.93 32.62 53.74
CA MET C 10 -27.99 32.32 52.31
C MET C 10 -29.39 31.82 51.98
N VAL C 11 -30.15 32.63 51.25
CA VAL C 11 -31.53 32.31 50.92
C VAL C 11 -31.74 32.42 49.42
N HIS C 12 -32.74 31.69 48.92
CA HIS C 12 -33.11 31.78 47.52
C HIS C 12 -33.89 33.05 47.25
N GLN C 13 -33.61 33.67 46.11
CA GLN C 13 -34.34 34.83 45.63
C GLN C 13 -34.73 34.60 44.18
N CYS C 14 -35.90 35.12 43.81
CA CYS C 14 -36.35 34.99 42.43
C CYS C 14 -35.43 35.77 41.51
N ILE C 15 -35.20 35.20 40.32
CA ILE C 15 -34.46 35.92 39.30
C ILE C 15 -35.26 37.16 38.90
N SER C 16 -34.59 38.30 38.82
CA SER C 16 -35.32 39.55 38.65
C SER C 16 -35.71 39.76 37.18
N PRO C 17 -36.81 40.48 36.94
CA PRO C 17 -37.15 40.84 35.55
C PRO C 17 -36.04 41.62 34.85
N ARG C 18 -35.30 42.46 35.57
CA ARG C 18 -34.19 43.19 34.96
C ARG C 18 -33.09 42.25 34.51
N THR C 19 -32.78 41.21 35.31
CA THR C 19 -31.75 40.25 34.90
C THR C 19 -32.19 39.47 33.67
N LEU C 20 -33.43 38.98 33.67
CA LEU C 20 -33.96 38.25 32.53
C LEU C 20 -33.88 39.09 31.26
N ASN C 21 -34.40 40.32 31.32
CA ASN C 21 -34.42 41.18 30.15
C ASN C 21 -33.00 41.52 29.69
N ALA C 22 -32.10 41.80 30.64
CA ALA C 22 -30.73 42.15 30.28
C ALA C 22 -30.05 41.01 29.52
N TRP C 23 -30.24 39.78 29.96
CA TRP C 23 -29.61 38.66 29.28
C TRP C 23 -30.20 38.45 27.89
N VAL C 24 -31.53 38.53 27.78
CA VAL C 24 -32.16 38.39 26.46
C VAL C 24 -31.66 39.46 25.51
N LYS C 25 -31.55 40.71 26.00
CA LYS C 25 -31.18 41.82 25.12
C LYS C 25 -29.74 41.71 24.65
N VAL C 26 -28.82 41.28 25.52
CA VAL C 26 -27.41 41.23 25.13
C VAL C 26 -27.21 40.15 24.06
N VAL C 27 -27.95 39.04 24.15
CA VAL C 27 -27.89 38.04 23.09
C VAL C 27 -28.50 38.57 21.80
N GLU C 28 -29.60 39.32 21.91
CA GLU C 28 -30.24 39.89 20.73
C GLU C 28 -29.31 40.83 19.99
N GLU C 29 -28.60 41.69 20.71
CA GLU C 29 -27.78 42.71 20.09
C GLU C 29 -26.34 42.28 19.82
N LYS C 30 -25.78 41.40 20.65
CA LYS C 30 -24.38 41.04 20.54
C LYS C 30 -24.14 39.60 20.09
N ALA C 31 -25.20 38.80 19.95
CA ALA C 31 -25.09 37.41 19.55
C ALA C 31 -24.07 36.68 20.41
N PHE C 32 -22.99 36.21 19.80
CA PHE C 32 -21.93 35.51 20.51
C PHE C 32 -20.59 36.20 20.31
N SER C 33 -20.58 37.52 20.37
CA SER C 33 -19.34 38.26 20.52
C SER C 33 -18.70 37.86 21.85
N PRO C 34 -17.37 37.96 21.95
CA PRO C 34 -16.69 37.51 23.19
C PRO C 34 -17.22 38.15 24.47
N GLU C 35 -17.67 39.40 24.42
CA GLU C 35 -18.11 40.05 25.66
C GLU C 35 -19.43 39.49 26.18
N VAL C 36 -20.06 38.55 25.47
CA VAL C 36 -21.27 37.93 25.99
C VAL C 36 -20.96 36.97 27.14
N ILE C 37 -19.73 36.45 27.21
CA ILE C 37 -19.35 35.53 28.28
C ILE C 37 -19.29 36.27 29.60
N PRO C 38 -18.58 37.42 29.72
CA PRO C 38 -18.64 38.15 30.99
C PRO C 38 -20.03 38.63 31.35
N MET C 39 -20.83 39.07 30.38
CA MET C 39 -22.20 39.46 30.66
C MET C 39 -22.98 38.28 31.25
N PHE C 40 -22.86 37.11 30.64
CA PHE C 40 -23.58 35.94 31.14
C PHE C 40 -23.10 35.55 32.54
N SER C 41 -21.80 35.60 32.77
CA SER C 41 -21.26 35.21 34.07
C SER C 41 -21.73 36.16 35.15
N ALA C 42 -21.75 37.47 34.87
CA ALA C 42 -22.16 38.45 35.86
C ALA C 42 -23.67 38.42 36.09
N LEU C 43 -24.47 38.31 35.01
CA LEU C 43 -25.91 38.27 35.17
C LEU C 43 -26.39 37.01 35.87
N SER C 44 -25.61 35.93 35.82
CA SER C 44 -25.95 34.70 36.53
C SER C 44 -25.23 34.58 37.86
N CYS C 45 -24.85 35.71 38.47
CA CYS C 45 -24.19 35.67 39.77
C CYS C 45 -25.11 35.03 40.81
N GLY C 46 -24.58 34.01 41.50
CA GLY C 46 -25.35 33.31 42.51
C GLY C 46 -26.46 32.44 41.96
N ALA C 47 -26.50 32.19 40.66
CA ALA C 47 -27.61 31.46 40.05
C ALA C 47 -27.64 30.01 40.50
N THR C 48 -28.86 29.48 40.63
CA THR C 48 -29.07 28.04 40.72
C THR C 48 -29.06 27.45 39.32
N PRO C 49 -28.95 26.13 39.19
CA PRO C 49 -29.15 25.51 37.86
C PRO C 49 -30.46 25.88 37.21
N GLN C 50 -31.52 26.02 38.01
CA GLN C 50 -32.80 26.45 37.47
C GLN C 50 -32.70 27.84 36.83
N ASP C 51 -32.02 28.77 37.51
CA ASP C 51 -31.82 30.10 36.95
C ASP C 51 -31.01 30.04 35.67
N LEU C 52 -29.94 29.23 35.66
CA LEU C 52 -29.13 29.08 34.46
C LEU C 52 -29.94 28.50 33.31
N ASN C 53 -30.78 27.49 33.58
CA ASN C 53 -31.63 26.95 32.53
C ASN C 53 -32.65 27.99 32.05
N THR C 54 -33.18 28.80 32.98
CA THR C 54 -34.08 29.87 32.58
C THR C 54 -33.41 30.82 31.60
N MET C 55 -32.18 31.23 31.90
CA MET C 55 -31.48 32.18 31.04
C MET C 55 -31.22 31.59 29.66
N LEU C 56 -30.78 30.34 29.61
CA LEU C 56 -30.53 29.69 28.32
C LEU C 56 -31.83 29.47 27.55
N ASN C 57 -32.92 29.15 28.26
CA ASN C 57 -34.19 28.88 27.60
C ASN C 57 -34.81 30.13 27.01
N THR C 58 -34.56 31.29 27.62
CA THR C 58 -35.13 32.54 27.13
C THR C 58 -34.45 33.04 25.86
N VAL C 59 -33.31 32.46 25.49
CA VAL C 59 -32.63 32.87 24.26
C VAL C 59 -33.51 32.48 23.07
N GLY C 60 -33.82 33.47 22.23
CA GLY C 60 -34.55 33.22 21.00
C GLY C 60 -33.59 33.08 19.83
N GLY C 61 -33.86 32.10 18.97
CA GLY C 61 -32.96 31.87 17.87
C GLY C 61 -31.65 31.25 18.34
N HIS C 62 -30.68 31.24 17.42
CA HIS C 62 -29.37 30.64 17.66
C HIS C 62 -29.49 29.23 18.24
N GLN C 63 -30.51 28.50 17.79
CA GLN C 63 -30.78 27.18 18.37
C GLN C 63 -29.71 26.16 17.99
N ALA C 64 -28.98 26.37 16.90
CA ALA C 64 -27.84 25.52 16.60
C ALA C 64 -26.77 25.68 17.68
N ALA C 65 -26.46 26.92 18.04
CA ALA C 65 -25.52 27.16 19.13
C ALA C 65 -26.04 26.59 20.44
N MET C 66 -27.32 26.81 20.74
CA MET C 66 -27.87 26.34 22.00
C MET C 66 -27.90 24.82 22.06
N GLN C 67 -28.05 24.13 20.92
CA GLN C 67 -27.98 22.67 20.93
C GLN C 67 -26.55 22.19 21.15
N MET C 68 -25.58 22.86 20.50
CA MET C 68 -24.17 22.58 20.81
C MET C 68 -23.89 22.79 22.29
N LEU C 69 -24.53 23.78 22.90
CA LEU C 69 -24.37 24.01 24.34
C LEU C 69 -24.83 22.79 25.14
N LYS C 70 -25.96 22.20 24.77
CA LYS C 70 -26.43 21.00 25.45
C LYS C 70 -25.44 19.86 25.32
N GLU C 71 -24.85 19.70 24.14
CA GLU C 71 -23.89 18.61 23.93
C GLU C 71 -22.66 18.81 24.81
N THR C 72 -22.17 20.04 24.90
CA THR C 72 -21.06 20.31 25.81
C THR C 72 -21.45 20.03 27.25
N ILE C 73 -22.66 20.43 27.64
CA ILE C 73 -23.12 20.20 29.00
C ILE C 73 -23.24 18.70 29.28
N ASN C 74 -23.74 17.94 28.31
CA ASN C 74 -23.85 16.50 28.49
C ASN C 74 -22.48 15.84 28.58
N GLU C 75 -21.51 16.34 27.82
CA GLU C 75 -20.15 15.83 27.93
C GLU C 75 -19.59 16.09 29.33
N GLU C 76 -19.79 17.30 29.84
CA GLU C 76 -19.28 17.62 31.18
C GLU C 76 -20.04 16.85 32.25
N ALA C 77 -21.35 16.66 32.07
CA ALA C 77 -22.12 15.88 33.02
C ALA C 77 -21.64 14.44 33.08
N ALA C 78 -21.37 13.83 31.92
CA ALA C 78 -20.87 12.46 31.90
C ALA C 78 -19.52 12.35 32.59
N GLU C 79 -18.66 13.35 32.38
CA GLU C 79 -17.35 13.35 33.05
C GLU C 79 -17.52 13.48 34.57
N TRP C 80 -18.46 14.32 35.01
CA TRP C 80 -18.71 14.43 36.45
C TRP C 80 -19.19 13.10 37.02
N ASP C 81 -20.06 12.40 36.30
CA ASP C 81 -20.55 11.11 36.78
C ASP C 81 -19.41 10.09 36.86
N ARG C 82 -18.45 10.15 35.95
CA ARG C 82 -17.34 9.21 35.99
C ARG C 82 -16.43 9.49 37.18
N LEU C 83 -16.29 10.75 37.57
CA LEU C 83 -15.44 11.12 38.68
C LEU C 83 -16.15 11.05 40.03
N HIS C 84 -17.47 11.10 40.07
CA HIS C 84 -18.24 11.08 41.31
C HIS C 84 -19.33 10.01 41.21
N PRO C 85 -18.96 8.74 41.34
CA PRO C 85 -19.97 7.67 41.36
C PRO C 85 -20.80 7.74 42.64
N VAL C 86 -22.11 7.64 42.50
CA VAL C 86 -22.99 7.74 43.66
C VAL C 86 -22.95 6.45 44.45
N HIS C 87 -23.08 6.59 45.76
CA HIS C 87 -23.08 5.47 46.69
C HIS C 87 -24.52 5.25 47.15
N ALA C 88 -25.10 4.11 46.76
CA ALA C 88 -26.48 3.82 47.10
C ALA C 88 -26.64 3.64 48.61
N GLY C 89 -27.81 4.03 49.11
CA GLY C 89 -28.11 3.95 50.52
C GLY C 89 -29.09 5.04 50.93
N PRO C 90 -29.82 4.80 52.01
CA PRO C 90 -30.81 5.81 52.46
C PRO C 90 -30.13 7.04 53.01
N ILE C 91 -30.65 8.20 52.63
CA ILE C 91 -30.09 9.47 53.06
C ILE C 91 -30.50 9.75 54.50
N ALA C 92 -29.54 10.17 55.31
CA ALA C 92 -29.80 10.46 56.71
C ALA C 92 -30.70 11.70 56.82
N PRO C 93 -31.37 11.88 57.97
CA PRO C 93 -32.28 13.04 58.12
C PRO C 93 -31.72 14.38 57.66
N GLY C 94 -30.55 14.76 58.15
CA GLY C 94 -30.02 16.08 57.84
C GLY C 94 -29.44 16.23 56.45
N GLN C 95 -28.60 15.29 56.04
CA GLN C 95 -27.80 15.45 54.82
C GLN C 95 -28.67 15.27 53.58
N MET C 96 -28.05 15.36 52.41
CA MET C 96 -28.73 15.11 51.14
C MET C 96 -27.85 14.28 50.21
N ARG C 97 -28.52 13.63 49.26
CA ARG C 97 -27.89 12.76 48.29
C ARG C 97 -26.88 13.51 47.42
N GLU C 98 -25.85 12.78 46.99
CA GLU C 98 -24.85 13.32 46.08
C GLU C 98 -25.47 13.58 44.71
N PRO C 99 -25.12 14.69 44.05
CA PRO C 99 -25.72 15.01 42.76
C PRO C 99 -25.00 14.34 41.59
N ARG C 100 -25.80 13.84 40.64
CA ARG C 100 -25.25 13.41 39.36
C ARG C 100 -25.02 14.64 38.48
N GLY C 101 -24.49 14.39 37.28
CA GLY C 101 -24.34 15.47 36.32
C GLY C 101 -25.67 16.08 35.93
N SER C 102 -26.69 15.25 35.73
CA SER C 102 -28.01 15.74 35.39
C SER C 102 -28.66 16.52 36.52
N ASP C 103 -28.25 16.29 37.76
CA ASP C 103 -28.74 17.11 38.86
C ASP C 103 -28.09 18.48 38.85
N ILE C 104 -26.79 18.53 38.55
CA ILE C 104 -26.09 19.80 38.42
C ILE C 104 -26.66 20.61 37.26
N ALA C 105 -26.95 19.94 36.14
CA ALA C 105 -27.52 20.61 34.98
C ALA C 105 -28.98 20.95 35.15
N GLY C 106 -29.62 20.50 36.22
CA GLY C 106 -30.99 20.87 36.53
C GLY C 106 -32.06 20.06 35.86
N THR C 107 -31.70 18.96 35.19
CA THR C 107 -32.70 18.16 34.48
C THR C 107 -33.37 17.12 35.37
N THR C 108 -32.67 16.65 36.40
CA THR C 108 -33.21 15.64 37.30
C THR C 108 -33.24 16.11 38.75
N SER C 109 -33.03 17.39 39.01
CA SER C 109 -33.04 17.94 40.35
C SER C 109 -34.09 19.04 40.48
N THR C 110 -34.72 19.12 41.64
CA THR C 110 -35.66 20.20 41.92
C THR C 110 -34.93 21.42 42.43
N LEU C 111 -35.65 22.56 42.42
CA LEU C 111 -35.09 23.79 42.98
C LEU C 111 -34.73 23.61 44.45
N GLN C 112 -35.58 22.91 45.21
CA GLN C 112 -35.31 22.73 46.63
C GLN C 112 -34.05 21.90 46.87
N GLU C 113 -33.82 20.89 46.03
CA GLU C 113 -32.58 20.13 46.13
C GLU C 113 -31.39 21.00 45.75
N GLN C 114 -31.54 21.83 44.72
CA GLN C 114 -30.46 22.75 44.35
C GLN C 114 -30.18 23.74 45.46
N ILE C 115 -31.24 24.26 46.10
CA ILE C 115 -31.04 25.14 47.26
C ILE C 115 -30.35 24.37 48.38
N GLY C 116 -30.75 23.11 48.60
CA GLY C 116 -30.13 22.32 49.65
C GLY C 116 -28.65 22.11 49.43
N TRP C 117 -28.26 21.81 48.19
CA TRP C 117 -26.84 21.62 47.89
C TRP C 117 -26.07 22.94 48.06
N MET C 118 -26.62 24.04 47.57
CA MET C 118 -25.88 25.30 47.52
C MET C 118 -25.79 25.97 48.89
N THR C 119 -26.79 25.76 49.75
CA THR C 119 -26.77 26.30 51.10
C THR C 119 -26.28 25.30 52.13
N HIS C 120 -25.78 24.16 51.68
CA HIS C 120 -25.26 23.16 52.60
C HIS C 120 -23.99 23.63 53.28
N ASN C 121 -23.63 22.95 54.36
CA ASN C 121 -22.40 23.21 55.10
C ASN C 121 -21.65 21.89 55.23
N PRO C 122 -20.60 21.67 54.41
CA PRO C 122 -20.11 22.59 53.39
C PRO C 122 -20.96 22.57 52.11
N PRO C 123 -20.97 23.69 51.38
CA PRO C 123 -21.82 23.77 50.19
C PRO C 123 -21.29 22.94 49.03
N ILE C 124 -22.22 22.38 48.26
CA ILE C 124 -21.91 21.78 46.96
C ILE C 124 -22.38 22.77 45.90
N PRO C 125 -21.48 23.55 45.31
CA PRO C 125 -21.93 24.67 44.47
C PRO C 125 -22.34 24.22 43.07
N VAL C 126 -23.51 23.56 42.99
CA VAL C 126 -23.97 23.02 41.72
C VAL C 126 -24.21 24.13 40.72
N GLY C 127 -24.59 25.32 41.19
CA GLY C 127 -24.77 26.44 40.29
C GLY C 127 -23.46 26.88 39.65
N GLU C 128 -22.38 26.91 40.45
CA GLU C 128 -21.08 27.30 39.90
C GLU C 128 -20.49 26.21 39.02
N ILE C 129 -20.76 24.94 39.35
CA ILE C 129 -20.30 23.85 38.49
C ILE C 129 -21.02 23.89 37.16
N TYR C 130 -22.35 24.00 37.19
CA TYR C 130 -23.12 24.11 35.96
C TYR C 130 -22.67 25.32 35.14
N LYS C 131 -22.51 26.47 35.79
CA LYS C 131 -22.10 27.68 35.08
C LYS C 131 -20.76 27.47 34.38
N ARG C 132 -19.85 26.75 35.04
CA ARG C 132 -18.56 26.45 34.42
C ARG C 132 -18.74 25.60 33.17
N TRP C 133 -19.67 24.64 33.21
CA TRP C 133 -19.95 23.84 32.02
C TRP C 133 -20.54 24.70 30.92
N ILE C 134 -21.46 25.60 31.27
CA ILE C 134 -22.13 26.44 30.28
C ILE C 134 -21.12 27.36 29.61
N ILE C 135 -20.26 28.00 30.40
CA ILE C 135 -19.28 28.92 29.86
C ILE C 135 -18.29 28.18 28.96
N LEU C 136 -17.95 26.94 29.32
CA LEU C 136 -17.13 26.11 28.44
C LEU C 136 -17.81 25.94 27.08
N GLY C 137 -19.11 25.67 27.09
CA GLY C 137 -19.82 25.53 25.82
C GLY C 137 -19.99 26.85 25.09
N LEU C 138 -20.25 27.93 25.83
CA LEU C 138 -20.35 29.24 25.19
C LEU C 138 -19.02 29.65 24.56
N ASN C 139 -17.91 29.30 25.21
CA ASN C 139 -16.59 29.60 24.65
C ASN C 139 -16.38 28.88 23.32
N LYS C 140 -16.87 27.64 23.22
CA LYS C 140 -16.78 26.93 21.94
C LYS C 140 -17.63 27.61 20.87
N ILE C 141 -18.78 28.17 21.27
CA ILE C 141 -19.63 28.86 20.30
C ILE C 141 -18.95 30.15 19.83
N VAL C 142 -18.40 30.92 20.77
CA VAL C 142 -17.67 32.14 20.40
C VAL C 142 -16.52 31.80 19.47
N ARG C 143 -15.77 30.73 19.79
CA ARG C 143 -14.68 30.29 18.93
C ARG C 143 -15.17 29.89 17.56
N MET C 144 -16.29 29.16 17.50
CA MET C 144 -16.76 28.62 16.23
C MET C 144 -17.40 29.67 15.36
N TYR C 145 -18.07 30.66 15.94
CA TYR C 145 -18.74 31.70 15.19
C TYR C 145 -17.85 32.91 14.94
N SER C 146 -16.56 32.82 15.27
CA SER C 146 -15.62 33.88 14.95
C SER C 146 -15.30 33.84 13.47
N PRO C 147 -15.51 34.93 12.72
CA PRO C 147 -15.32 34.86 11.26
C PRO C 147 -13.87 34.83 10.81
N THR C 148 -12.96 35.46 11.56
CA THR C 148 -11.60 35.68 11.08
C THR C 148 -10.59 34.94 11.95
N SER C 149 -9.51 34.50 11.33
CA SER C 149 -8.38 33.89 12.02
C SER C 149 -7.30 34.94 12.27
N ILE C 150 -6.58 34.76 13.37
CA ILE C 150 -5.55 35.73 13.77
C ILE C 150 -4.46 35.83 12.71
N LEU C 151 -4.24 34.76 11.94
CA LEU C 151 -3.19 34.78 10.92
C LEU C 151 -3.57 35.64 9.72
N ASP C 152 -4.84 35.98 9.55
CA ASP C 152 -5.31 36.78 8.44
C ASP C 152 -5.43 38.26 8.79
N ILE C 153 -5.05 38.67 9.99
CA ILE C 153 -5.13 40.06 10.41
C ILE C 153 -3.85 40.75 9.97
N ARG C 154 -3.95 41.57 8.92
CA ARG C 154 -2.83 42.27 8.34
C ARG C 154 -3.13 43.77 8.32
N GLN C 155 -2.16 44.58 8.71
CA GLN C 155 -2.36 46.02 8.68
C GLN C 155 -2.37 46.52 7.25
N GLY C 156 -3.35 47.34 6.91
CA GLY C 156 -3.41 47.94 5.60
C GLY C 156 -2.29 48.94 5.39
N PRO C 157 -1.96 49.21 4.13
CA PRO C 157 -0.86 50.14 3.86
C PRO C 157 -1.14 51.56 4.32
N LYS C 158 -2.42 51.95 4.41
CA LYS C 158 -2.79 53.28 4.89
C LYS C 158 -3.65 53.20 6.16
N GLU C 159 -3.67 52.04 6.82
CA GLU C 159 -4.50 51.85 8.00
C GLU C 159 -3.75 52.32 9.24
N PRO C 160 -4.37 53.16 10.09
CA PRO C 160 -3.70 53.59 11.32
C PRO C 160 -3.40 52.38 12.20
N PHE C 161 -2.23 52.42 12.84
CA PHE C 161 -1.78 51.28 13.63
C PHE C 161 -2.75 50.94 14.75
N ARG C 162 -3.38 51.94 15.35
CA ARG C 162 -4.34 51.67 16.41
C ARG C 162 -5.51 50.83 15.90
N ASP C 163 -6.02 51.15 14.70
CA ASP C 163 -7.11 50.38 14.14
C ASP C 163 -6.69 48.93 13.88
N TYR C 164 -5.45 48.74 13.43
CA TYR C 164 -4.95 47.40 13.19
C TYR C 164 -4.85 46.60 14.49
N VAL C 165 -4.32 47.22 15.54
CA VAL C 165 -4.23 46.54 16.83
C VAL C 165 -5.62 46.29 17.40
N ASP C 166 -6.56 47.21 17.16
CA ASP C 166 -7.96 46.94 17.53
C ASP C 166 -8.45 45.65 16.89
N ARG C 167 -8.24 45.51 15.57
CA ARG C 167 -8.72 44.31 14.89
C ARG C 167 -7.96 43.07 15.34
N PHE C 168 -6.65 43.21 15.53
CA PHE C 168 -5.81 42.09 15.96
C PHE C 168 -6.34 41.47 17.24
N TYR C 169 -6.50 42.28 18.29
CA TYR C 169 -6.88 41.73 19.58
C TYR C 169 -8.37 41.42 19.67
N LYS C 170 -9.21 42.11 18.90
CA LYS C 170 -10.60 41.69 18.77
C LYS C 170 -10.68 40.28 18.20
N THR C 171 -9.95 40.04 17.11
CA THR C 171 -9.91 38.70 16.52
C THR C 171 -9.29 37.70 17.49
N LEU C 172 -8.18 38.07 18.11
CA LEU C 172 -7.50 37.15 19.03
C LEU C 172 -8.38 36.80 20.21
N ARG C 173 -9.21 37.73 20.68
CA ARG C 173 -10.08 37.44 21.81
C ARG C 173 -11.12 36.39 21.45
N ALA C 174 -11.61 36.42 20.20
CA ALA C 174 -12.59 35.44 19.76
C ALA C 174 -11.96 34.07 19.52
N GLU C 175 -10.67 34.01 19.20
CA GLU C 175 -9.96 32.76 18.99
C GLU C 175 -9.39 32.31 20.34
N GLN C 176 -10.24 31.65 21.11
CA GLN C 176 -9.98 31.45 22.53
C GLN C 176 -9.13 30.21 22.77
N ALA C 177 -8.02 30.41 23.48
CA ALA C 177 -7.20 29.33 24.01
C ALA C 177 -6.74 29.76 25.40
N SER C 178 -5.69 29.13 25.90
CA SER C 178 -5.11 29.59 27.15
C SER C 178 -4.47 30.96 26.95
N GLN C 179 -4.42 31.74 28.02
CA GLN C 179 -3.80 33.06 27.94
C GLN C 179 -2.33 32.96 27.56
N GLU C 180 -1.69 31.81 27.77
CA GLU C 180 -0.33 31.62 27.30
C GLU C 180 -0.29 31.43 25.79
N VAL C 181 -1.27 30.70 25.24
CA VAL C 181 -1.30 30.51 23.79
C VAL C 181 -1.75 31.79 23.09
N LYS C 182 -2.54 32.63 23.77
CA LYS C 182 -2.92 33.91 23.20
C LYS C 182 -1.79 34.93 23.30
N ASN C 183 -0.99 34.87 24.37
CA ASN C 183 0.22 35.67 24.45
C ASN C 183 1.27 35.22 23.44
N ALA C 184 1.28 33.92 23.10
CA ALA C 184 2.23 33.41 22.12
C ALA C 184 1.94 33.95 20.72
N ALA C 185 0.66 34.00 20.34
CA ALA C 185 0.29 34.53 19.03
C ALA C 185 0.75 35.96 18.83
N THR C 186 0.61 36.80 19.87
CA THR C 186 1.05 38.18 19.77
C THR C 186 2.55 38.29 19.51
N GLU C 187 3.34 37.42 20.15
CA GLU C 187 4.78 37.45 19.96
C GLU C 187 5.18 37.34 18.50
N THR C 188 4.49 36.50 17.75
CA THR C 188 4.93 36.13 16.40
C THR C 188 4.16 36.82 15.29
N LEU C 189 3.07 37.52 15.59
CA LEU C 189 2.18 37.97 14.52
C LEU C 189 1.95 39.48 14.48
N LEU C 190 1.88 40.15 15.63
CA LEU C 190 1.50 41.57 15.63
C LEU C 190 2.50 42.41 14.85
N VAL C 191 3.79 42.24 15.13
CA VAL C 191 4.81 42.98 14.39
C VAL C 191 4.95 42.43 12.98
N GLN C 192 4.84 41.10 12.83
CA GLN C 192 5.04 40.47 11.53
C GLN C 192 4.01 40.96 10.51
N ASN C 193 2.78 41.21 10.95
CA ASN C 193 1.70 41.56 10.05
C ASN C 193 1.40 43.06 10.00
N ALA C 194 2.25 43.88 10.61
CA ALA C 194 2.15 45.32 10.39
C ALA C 194 2.59 45.68 8.97
N ASN C 195 2.13 46.83 8.50
CA ASN C 195 2.46 47.26 7.14
C ASN C 195 3.96 47.58 7.05
N PRO C 196 4.51 47.65 5.83
CA PRO C 196 5.97 47.83 5.70
C PRO C 196 6.52 49.05 6.43
N ASP C 197 5.79 50.17 6.41
CA ASP C 197 6.30 51.37 7.07
C ASP C 197 6.39 51.18 8.58
N CYS C 198 5.31 50.71 9.21
CA CYS C 198 5.33 50.53 10.65
C CYS C 198 6.19 49.35 11.08
N LYS C 199 6.21 48.28 10.27
CA LYS C 199 7.01 47.12 10.62
C LYS C 199 8.50 47.47 10.73
N THR C 200 9.00 48.28 9.80
CA THR C 200 10.41 48.68 9.86
C THR C 200 10.71 49.48 11.11
N ILE C 201 9.74 50.28 11.58
CA ILE C 201 9.95 51.04 12.81
C ILE C 201 9.98 50.10 14.01
N LEU C 202 9.13 49.06 14.00
CA LEU C 202 9.03 48.18 15.15
C LEU C 202 10.20 47.21 15.21
N LYS C 203 10.69 46.75 14.06
CA LYS C 203 11.87 45.90 14.05
C LYS C 203 13.09 46.63 14.58
N ALA C 204 13.19 47.94 14.32
CA ALA C 204 14.33 48.69 14.81
C ALA C 204 14.25 48.92 16.32
N LEU C 205 13.04 49.02 16.86
CA LEU C 205 12.89 49.08 18.31
C LEU C 205 13.37 47.80 18.95
N GLY C 206 13.23 46.68 18.24
CA GLY C 206 13.64 45.40 18.75
C GLY C 206 12.56 44.80 19.63
N PRO C 207 12.69 43.51 19.95
CA PRO C 207 11.71 42.88 20.83
C PRO C 207 11.76 43.51 22.21
N GLY C 208 10.70 43.27 22.97
CA GLY C 208 10.57 43.84 24.30
C GLY C 208 9.94 45.21 24.32
N ALA C 209 9.48 45.71 23.17
CA ALA C 209 8.76 46.97 23.16
C ALA C 209 7.35 46.74 23.69
N THR C 210 6.91 47.59 24.62
CA THR C 210 5.53 47.46 25.07
C THR C 210 4.59 47.89 23.96
N LEU C 211 3.32 47.52 24.11
CA LEU C 211 2.31 47.94 23.14
C LEU C 211 2.19 49.45 23.09
N GLU C 212 2.30 50.10 24.25
CA GLU C 212 2.28 51.57 24.28
C GLU C 212 3.39 52.15 23.43
N GLU C 213 4.59 51.59 23.56
CA GLU C 213 5.72 52.08 22.77
C GLU C 213 5.53 51.77 21.29
N MET C 214 4.99 50.59 20.97
CA MET C 214 4.72 50.26 19.57
C MET C 214 3.71 51.22 18.97
N MET C 215 2.64 51.52 19.71
CA MET C 215 1.60 52.39 19.15
C MET C 215 2.09 53.82 19.04
N THR C 216 2.93 54.27 19.99
CA THR C 216 3.51 55.61 19.89
C THR C 216 4.44 55.72 18.69
N ALA C 217 5.21 54.67 18.42
CA ALA C 217 6.21 54.73 17.36
C ALA C 217 5.58 54.68 15.97
N CYS C 218 4.39 54.11 15.86
CA CYS C 218 3.72 53.97 14.57
C CYS C 218 2.53 54.92 14.42
N GLN C 219 2.50 56.02 15.18
CA GLN C 219 1.45 57.01 15.01
C GLN C 219 1.54 57.75 13.68
N GLY C 220 2.64 57.62 12.95
CA GLY C 220 2.79 58.28 11.66
C GLY C 220 1.89 57.69 10.58
C10 61F D . 21.74 -41.36 -26.92
C10 61F D . 21.78 -41.44 -26.96
N12 61F D . 23.90 -42.71 -26.61
N12 61F D . 23.97 -42.76 -26.73
C13 61F D . 24.88 -41.68 -26.31
C13 61F D . 24.96 -41.72 -26.47
C22 61F D . 25.02 -48.02 -27.97
C22 61F D . 25.15 -48.08 -27.96
C26 61F D . 20.64 -43.89 -27.36
C26 61F D . 20.69 -43.98 -27.36
C28 61F D . 19.82 -42.76 -27.42
C28 61F D . 19.86 -42.87 -27.40
C01 61F D . 23.34 -33.00 -23.98
C01 61F D . 25.41 -32.94 -26.02
C02 61F D . 24.47 -33.53 -24.86
C02 61F D . 24.56 -33.66 -24.96
C03 61F D . 24.61 -32.64 -26.09
C03 61F D . 25.34 -33.82 -23.67
C04 61F D . 24.08 -34.95 -25.32
C04 61F D . 24.13 -35.03 -25.49
C05 61F D . 23.71 -36.03 -25.68
C05 61F D . 23.76 -36.11 -25.84
C06 61F D . 23.21 -37.44 -26.09
C06 61F D . 23.25 -37.51 -26.21
C07 61F D . 23.28 -37.88 -27.40
C07 61F D . 23.32 -38.00 -27.51
C08 61F D . 22.82 -39.17 -27.71
C08 61F D . 22.85 -39.28 -27.79
C09 61F D . 22.27 -39.94 -26.68
C09 61F D . 22.31 -40.02 -26.74
C11 61F D . 22.57 -42.52 -26.85
C11 61F D . 22.63 -42.60 -26.92
C14 61F D . 26.19 -41.86 -27.08
C14 61F D . 26.30 -42.00 -27.14
C19 61F D . 23.10 -44.70 -26.94
C19 61F D . 23.18 -44.77 -27.03
C25 61F D . 22.01 -43.76 -27.08
C25 61F D . 22.08 -43.85 -27.13
C29 61F D . 20.38 -41.49 -27.20
C29 61F D . 20.41 -41.59 -27.19
C30 61F D . 22.24 -39.41 -25.40
C30 61F D . 22.28 -39.47 -25.48
C32 61F D . 21.65 -40.24 -24.26
C32 61F D . 21.70 -40.26 -24.31
C33 61F D . 20.21 -39.80 -24.04
C33 61F D . 20.27 -39.77 -24.07
C34 61F D . 19.47 -40.68 -23.04
C34 61F D . 19.50 -40.66 -23.10
C35 61F D . 19.60 -40.44 -21.68
C35 61F D . 19.63 -40.44 -21.73
C36 61F D . 18.93 -41.23 -20.76
C36 61F D . 18.93 -41.23 -20.84
C38 61F D . 18.13 -42.27 -21.21
C38 61F D . 18.11 -42.24 -21.30
C39 61F D . 17.99 -42.50 -22.57
C39 61F D . 17.98 -42.46 -22.67
C41 61F D . 18.66 -41.71 -23.48
C41 61F D . 18.68 -41.67 -23.57
C43 61F D . 23.13 -41.13 -22.43
C43 61F D . 23.16 -41.16 -22.46
C45 61F D . 23.96 -40.88 -21.16
C45 61F D . 24.01 -40.91 -21.21
C48 61F D . 25.41 -43.85 -19.72
C48 61F D . 25.42 -43.88 -19.72
C49 61F D . 24.06 -43.99 -19.35
C49 61F D . 24.06 -43.99 -19.35
C50 61F D . 23.37 -42.89 -19.85
C50 61F D . 23.39 -42.90 -19.88
C51 61F D . 21.85 -42.72 -19.65
C51 61F D . 21.87 -42.71 -19.69
C52 61F D . 21.30 -43.60 -18.55
C52 61F D . 21.30 -43.58 -18.58
C53 61F D . 21.82 -45.02 -18.62
C53 61F D . 21.81 -45.00 -18.65
C54 61F D . 23.33 -45.10 -18.54
C54 61F D . 23.32 -45.08 -18.55
C55 61F D . 26.55 -44.81 -19.38
C55 61F D . 26.53 -44.85 -19.36
C60 61F D . 25.90 -34.63 -22.49
C60 61F D . 22.13 -32.52 -26.20
F15 61F D . 26.94 -40.73 -27.00
F15 61F D . 27.09 -40.89 -27.06
F16 61F D . 25.92 -42.12 -28.40
F16 61F D . 26.10 -42.32 -28.45
F17 61F D . 26.90 -42.89 -26.54
F17 61F D . 26.92 -43.04 -26.51
F37 61F D . 19.07 -40.99 -19.43
F37 61F D . 19.05 -41.01 -19.50
F40 61F D . 17.18 -43.52 -23.01
F40 61F D . 17.18 -43.46 -23.13
F56 61F D . 26.35 -45.99 -20.04
F56 61F D . 26.31 -46.04 -19.98
F57 61F D . 27.73 -44.26 -19.78
F57 61F D . 27.73 -44.34 -19.78
F58 61F D . 26.57 -45.03 -18.05
F58 61F D . 26.56 -45.03 -18.01
N18 61F D . 24.21 -44.01 -26.67
N18 61F D . 24.28 -44.07 -26.79
N20 61F D . 23.00 -46.14 -27.11
N20 61F D . 23.10 -46.21 -27.18
N31 61F D . 22.69 -38.19 -25.14
N31 61F D . 22.74 -38.25 -25.25
N42 61F D . 22.43 -40.02 -23.05
N42 61F D . 22.50 -40.03 -23.13
N46 61F D . 24.26 -42.13 -20.50
N46 61F D . 24.30 -42.16 -20.53
N47 61F D . 25.53 -42.69 -20.43
N47 61F D . 25.55 -42.73 -20.44
O23 61F D . 25.19 -46.51 -25.72
O23 61F D . 25.27 -46.52 -25.73
O24 61F D . 23.69 -48.19 -25.61
O24 61F D . 23.78 -48.21 -25.63
O44 61F D . 23.07 -42.22 -22.91
O44 61F D . 23.02 -42.25 -22.89
O61 61F D . 27.18 -33.88 -24.76
O61 61F D . 22.20 -33.39 -23.64
O62 61F D . 26.40 -32.17 -23.50
O62 61F D . 23.29 -31.44 -23.99
S21 61F D . 24.22 -47.20 -26.56
S21 61F D . 24.32 -47.24 -26.58
S59 61F D . 26.04 -33.52 -23.92
S59 61F D . 23.03 -32.73 -24.65
CL27 61F D . 19.94 -45.50 -27.65
CL27 61F D . 20.02 -45.61 -27.62
I IOD E . -10.81 -50.30 6.19
CL CL F . 23.46 -39.60 -12.72
CL CL G . 21.53 -35.15 -30.00
CL CL H . -18.74 -39.97 -3.62
CL CL I . 12.35 -19.07 -19.62
CL CL J . 7.05 -23.80 -14.63
C10 61F K . -4.89 11.08 -8.06
C10 61F K . -4.81 11.17 -8.00
N12 61F K . -6.82 12.01 -6.65
N12 61F K . -6.78 12.14 -6.65
C13 61F K . -7.82 10.96 -6.75
C13 61F K . -7.80 11.11 -6.77
C22 61F K . -8.01 16.77 -4.98
C22 61F K . -7.69 17.12 -4.62
C26 61F K . -3.65 13.47 -7.31
C26 61F K . -3.56 13.54 -7.23
C28 61F K . -2.97 12.58 -8.13
C28 61F K . -2.87 12.62 -8.03
C01 61F K . -6.41 2.43 -9.70
C01 61F K . -8.85 3.56 -11.29
C02 61F K . -7.63 3.26 -10.12
C02 61F K . -7.95 3.57 -10.06
C03 61F K . -7.84 3.11 -11.62
C03 61F K . -8.64 2.90 -8.88
C04 61F K . -7.30 4.74 -9.81
C04 61F K . -7.56 5.00 -9.71
C05 61F K . -6.95 5.87 -9.60
C05 61F K . -7.14 6.10 -9.51
C06 61F K . -6.43 7.28 -9.26
C06 61F K . -6.55 7.47 -9.17
C07 61F K . -6.69 8.37 -10.08
C07 61F K . -6.77 8.57 -9.97
C08 61F K . -6.20 9.63 -9.72
C08 61F K . -6.21 9.80 -9.62
C09 61F K . -5.47 9.75 -8.54
C09 61F K . -5.45 9.86 -8.45
C11 61F K . -5.59 12.00 -7.22
C11 61F K . -5.53 12.11 -7.19
C14 61F K . -9.07 11.42 -7.51
C14 61F K . -9.03 11.59 -7.55
C19 61F K . -5.90 13.88 -6.03
C19 61F K . -5.84 14.00 -6.02
C25 61F K . -4.96 13.18 -6.86
C25 61F K . -4.88 13.28 -6.82
C29 61F K . -3.60 11.38 -8.50
C29 61F K . -3.51 11.43 -8.41
C30 61F K . -5.25 8.60 -7.78
C30 61F K . -5.28 8.70 -7.70
C32 61F K . -4.45 8.69 -6.48
C32 61F K . -4.46 8.74 -6.42
C33 61F K . -3.02 8.26 -6.78
C33 61F K . -3.04 8.28 -6.75
C34 61F K . -2.07 8.47 -5.59
C34 61F K . -2.08 8.47 -5.58
C35 61F K . -1.99 7.49 -4.61
C35 61F K . -2.00 7.49 -4.60
C36 61F K . -1.14 7.67 -3.54
C36 61F K . -1.14 7.66 -3.53
C38 61F K . -0.37 8.83 -3.44
C38 61F K . -0.35 8.80 -3.44
C39 61F K . -0.46 9.79 -4.42
C39 61F K . -0.44 9.77 -4.43
C41 61F K . -1.32 9.62 -5.50
C41 61F K . -1.30 9.60 -5.50
C43 61F K . -5.74 8.35 -4.32
C43 61F K . -5.77 8.36 -4.29
C45 61F K . -6.38 7.39 -3.32
C45 61F K . -6.40 7.38 -3.28
C48 61F K . -7.20 8.72 -0.05
C48 61F K . -7.20 8.70 -0.02
C49 61F K . -5.79 8.80 -0.04
C49 61F K . -5.79 8.78 -0.02
C50 61F K . -5.34 8.31 -1.26
C50 61F K . -5.35 8.30 -1.24
C51 61F K . -3.83 8.26 -1.59
C51 61F K . -3.84 8.24 -1.58
C52 61F K . -2.96 8.35 -0.37
C52 61F K . -2.96 8.33 -0.35
C53 61F K . -3.38 9.46 0.57
C53 61F K . -3.39 9.45 0.58
C54 61F K . -4.82 9.30 1.05
C54 61F K . -4.81 9.28 1.07
C55 61F K . -8.12 9.14 1.08
C55 61F K . -8.12 9.12 1.12
C60 61F K . -9.36 3.69 -7.73
C60 61F K . -5.54 3.65 -11.77
F15 61F K . -9.73 10.33 -8.00
F15 61F K . -9.75 10.49 -7.94
F16 61F K . -8.70 12.23 -8.54
F16 61F K . -8.64 12.30 -8.65
F17 61F K . -9.91 12.09 -6.66
F17 61F K . -9.81 12.37 -6.76
F37 61F K . -1.07 6.71 -2.57
F37 61F K . -1.06 6.70 -2.57
F40 61F K . 0.29 10.92 -4.33
F40 61F K . 0.33 10.89 -4.35
F56 61F K . -8.14 10.49 1.18
F56 61F K . -8.12 10.49 1.24
F57 61F K . -7.65 8.60 2.25
F57 61F K . -7.66 8.57 2.28
F58 61F K . -9.38 8.67 0.85
F58 61F K . -9.39 8.68 0.89
N18 61F K . -6.99 13.14 -5.93
N18 61F K . -6.95 13.27 -5.96
N20 61F K . -5.65 15.17 -5.43
N20 61F K . -5.60 15.30 -5.43
N31 61F K . -5.73 7.44 -8.16
N31 61F K . -5.83 7.56 -8.07
N42 61F K . -5.07 7.82 -5.51
N42 61F K . -5.07 7.84 -5.46
N46 61F K . -6.41 7.96 -1.97
N46 61F K . -6.42 7.95 -1.94
N47 61F K . -7.56 8.19 -1.25
N47 61F K . -7.58 8.19 -1.21
O23 61F K . -7.15 14.80 -3.31
O23 61F K . -7.17 14.73 -3.39
O24 61F K . -5.88 16.67 -3.31
O24 61F K . -5.63 16.35 -3.02
O44 61F K . -5.80 9.53 -4.15
O44 61F K . -5.84 9.53 -4.11
O61 61F K . -10.28 2.67 -10.09
O61 61F K . -5.51 2.69 -9.23
O62 61F K . -9.00 1.26 -8.89
O62 61F K . -6.53 1.32 -10.73
S21 61F K . -6.64 15.83 -4.23
S21 61F K . -6.51 15.84 -4.08
S59 61F K . -9.09 2.68 -9.22
S59 61F K . -6.36 2.75 -10.42
CL27 61F K . -2.87 15.00 -6.83
CL27 61F K . -2.76 15.06 -6.74
I IOD L . 32.79 0.40 18.59
I IOD M . 10.59 -9.78 -10.59
CL CL N . -5.59 7.89 -13.95
CL CL O . 38.69 -1.82 3.27
CL CL P . -4.46 1.41 2.97
CL CL Q . 4.17 -11.01 -16.24
CL CL R . 11.86 -10.76 -32.22
C10 61F S . -31.66 21.03 30.30
C10 61F S . -31.75 21.06 30.32
N12 61F S . -32.76 19.21 28.82
N12 61F S . -32.83 19.27 28.80
C13 61F S . -34.19 19.49 28.95
C13 61F S . -34.25 19.55 28.90
C22 61F S . -31.28 14.71 27.28
C22 61F S . -31.53 14.87 27.48
C26 61F S . -29.31 19.78 29.45
C26 61F S . -29.38 19.82 29.48
C28 61F S . -29.23 20.88 30.31
C28 61F S . -29.33 20.90 30.36
C01 61F S . -39.12 25.36 33.78
C01 61F S . -37.75 27.34 31.97
C02 61F S . -38.35 25.74 32.52
C02 61F S . -38.38 26.02 32.43
C03 61F S . -39.29 25.92 31.34
C03 61F S . -38.58 26.10 33.94
C04 61F S . -37.28 24.67 32.22
C04 61F S . -37.34 24.92 32.12
C05 61F S . -36.35 23.97 31.99
C05 61F S . -36.43 24.17 31.92
C06 61F S . -35.11 23.15 31.61
C06 61F S . -35.20 23.29 31.59
C07 61F S . -34.67 22.09 32.39
C07 61F S . -34.80 22.22 32.38
C08 61F S . -33.54 21.37 31.98
C08 61F S . -33.67 21.46 32.00
C09 61F S . -32.90 21.76 30.81
C09 61F S . -33.00 21.81 30.82
C11 61F S . -31.73 19.90 29.41
C11 61F S . -31.82 19.96 29.41
C14 61F S . -34.96 18.40 29.69
C14 61F S . -35.01 18.48 29.67
C19 61F S . -30.96 18.23 28.14
C19 61F S . -31.01 18.29 28.12
C25 61F S . -30.55 19.30 29.00
C25 61F S . -30.63 19.36 29.01
C29 61F S . -30.42 21.49 30.73
C29 61F S . -30.52 21.51 30.77
C30 61F S . -33.41 22.84 30.09
C30 61F S . -33.47 22.89 30.11
C32 61F S . -32.72 23.27 28.81
C32 61F S . -32.76 23.30 28.83
C33 61F S . -31.83 24.48 29.12
C33 61F S . -31.85 24.48 29.14
C34 61F S . -30.90 24.79 27.95
C34 61F S . -30.92 24.79 27.97
C35 61F S . -31.34 25.63 26.95
C35 61F S . -31.34 25.63 26.96
C36 61F S . -30.51 25.93 25.89
C36 61F S . -30.51 25.91 25.89
C38 61F S . -29.23 25.38 25.83
C38 61F S . -29.24 25.36 25.84
C39 61F S . -28.80 24.54 26.83
C39 61F S . -28.81 24.52 26.85
C41 61F S . -29.63 24.25 27.90
C41 61F S . -29.65 24.23 27.92
C43 61F S . -33.94 22.85 26.64
C43 61F S . -33.94 22.87 26.65
C45 61F S . -35.02 23.26 25.64
C45 61F S . -35.02 23.28 25.63
C48 61F S . -34.95 21.63 22.43
C48 61F S . -34.96 21.63 22.44
C49 61F S . -33.78 22.41 22.36
C49 61F S . -33.79 22.42 22.37
C50 61F S . -33.69 23.11 23.57
C50 61F S . -33.69 23.11 23.56
C51 61F S . -32.51 24.07 23.86
C51 61F S . -32.51 24.07 23.84
C52 61F S . -31.75 24.46 22.61
C52 61F S . -31.74 24.45 22.59
C53 61F S . -31.46 23.28 21.72
C53 61F S . -31.46 23.26 21.69
C54 61F S . -32.73 22.58 21.25
C54 61F S . -32.73 22.55 21.25
C55 61F S . -35.48 20.71 21.33
C55 61F S . -35.48 20.71 21.35
C60 61F S . -36.10 26.86 34.05
C60 61F S . -40.38 24.05 31.37
F15 61F S . -36.30 18.57 29.47
F15 61F S . -36.34 18.64 29.46
F16 61F S . -34.72 18.52 31.03
F16 61F S . -34.75 18.63 31.00
F17 61F S . -34.60 17.15 29.27
F17 61F S . -34.63 17.22 29.27
F37 61F S . -30.95 26.77 24.90
F37 61F S . -30.95 26.75 24.91
F40 61F S . -27.54 24.00 26.78
F40 61F S . -27.57 23.96 26.80
F56 61F S . -34.52 19.78 21.03
F56 61F S . -34.54 19.77 21.06
F57 61F S . -36.60 20.08 21.75
F57 61F S . -36.63 20.09 21.77
F58 61F S . -35.74 21.45 20.22
F58 61F S . -35.75 21.44 20.23
N18 61F S . -32.28 18.22 28.06
N18 61F S . -32.33 18.29 28.03
N20 61F S . -30.05 17.31 27.48
N20 61F S . -30.10 17.39 27.45
N31 61F S . -34.48 23.48 30.51
N31 61F S . -34.53 23.58 30.49
N42 61F S . -33.73 23.65 27.84
N42 61F S . -33.76 23.66 27.84
N46 61F S . -34.74 22.76 24.31
N46 61F S . -34.74 22.77 24.31
N47 61F S . -35.53 21.86 23.63
N47 61F S . -35.54 21.87 23.64
O23 61F S . -31.62 16.69 25.46
O23 61F S . -31.53 16.60 25.39
O24 61F S . -29.57 15.74 25.45
O24 61F S . -29.58 15.51 25.72
O44 61F S . -33.28 21.88 26.45
O44 61F S . -33.26 21.91 26.44
O61 61F S . -36.74 27.70 31.55
O61 61F S . -41.05 26.49 32.33
O62 61F S . -38.18 28.40 33.18
O62 61F S . -40.04 26.55 30.34
S21 61F S . -30.63 16.14 26.38
S21 61F S . -30.67 16.12 26.47
S59 61F S . -37.36 27.24 32.80
S59 61F S . -39.98 25.81 31.60
CL27 61F S . -27.81 18.97 28.89
CL27 61F S . -27.89 19.01 28.92
I IOD T . -5.74 50.51 4.05
I IOD U . -30.50 46.99 33.13
CL CL V . -4.75 31.78 19.38
CL CL W . -2.35 55.71 19.39
CL CL X . -34.27 23.33 36.27
CL CL Y . -30.85 46.32 38.69
CL CL Z . -36.66 29.32 19.37
CL CL AA . -37.37 22.85 28.31
CL CL BA . 10.84 42.49 16.56
#